data_4M41
#
_entry.id   4M41
#
_cell.length_a   78.193
_cell.length_b   119.408
_cell.length_c   130.119
_cell.angle_alpha   90.00
_cell.angle_beta   90.00
_cell.angle_gamma   90.00
#
_symmetry.space_group_name_H-M   'P 21 21 21'
#
loop_
_entity.id
_entity.type
_entity.pdbx_description
1 polymer 'DNA polymerase'
2 polymer 'DNA template'
3 polymer 'DNA primer'
4 non-polymer "ADENOSINE-5'-TRIPHOSPHATE"
5 non-polymer 'CALCIUM ION'
6 water water
#
loop_
_entity_poly.entity_id
_entity_poly.type
_entity_poly.pdbx_seq_one_letter_code
_entity_poly.pdbx_strand_id
1 'polypeptide(L)'
;MKEFYLTVEQIGDSIFERYIDSNGRERTREVEYKPSLFAHCPESQATKYFDIYGKPCTRKLFANMRDASQWIKRMEDIGL
EALGMDDFKLAYLSDTYNYEIKYDHTKIRVANFDIEVTSPDGFPEPSQAKHPIDAITHYDSIDDRFYVFDLLNSPYGNVE
EWSIEIAAKLQEQGGDEVPSEIIDKIIYMPFDNEKELLMEYLNFWQQKTPVILTGWNVESFAIPYVYNRIKNIFGESTAK
RLSPHRKTRVKVIENMYGSREIITLFGISVLDYIDLYKKFSFTNQPSYSLDYISEFELNVGKLKYDGPISKLRESNHQRY
ISYNIIAVYRVLQIDAKRQFINLSLDMGYYAKIQIQSVFSPIKTWDAIIFNSLKEQNKVIPQGRSHPVQPYPGAFVKEPI
PNRYKYVMSFDLTSAYPSIIRQVNISPETIAGTFKVAPLHDYINAVAERPSDVYSCSPNGMMYYKDRDGVVPTEITKVFN
QRKEHKGYMLAAQRNGEIIKEALHNPNLSVDEPLDVDYRFDFSDEIKEKIKKLSAKSLNEMLFRAQRTEVAGMTAQINRK
ALINGLAGALGNVWFRYYDLRNATAITTFGQMALQWIERKVNEYLNEVCGTEGEAFVLYGDTDSIYVSADKIIDKVGESK
FRDTNHWVDFLDKFARERMEPAIDRGFREMCEYMNNKQHLMFMDREAIAGPPLGSKGIGGFWTGKKRYALNVWDMEGTRY
AEPKLKIMGLETQKSSTPKAVQKALKECIRRMLQEGEESLQEYFKEFEKEFRQLNYISIASVSSANNIAKYDVGGFPGPK
CPFHIRGILTYNRAIKGNIDAPQVVEGEKVYVLPLREGNPFGDKCIAWPSGTEITDLIKDDVLHWMDYTVLLEKTFIKPL
EGFTSAAKLDYEKKASLFDMFDF
;
A
2 'polydeoxyribonucleotide' (DC)(DA)(DT)(DG)(DT)(DT)(DA)(DG)(DC)(DA)(DG)(DT)(DC)(DC)(DG)(DC)(DG) T
3 'polydeoxyribonucleotide' (DG)(DC)(DG)(DG)(DA)(DC)(DT)(DG)(DC)(DT)(DG)(DA)(DC) P
#
# COMPACT_ATOMS: atom_id res chain seq x y z
N MET A 1 27.97 7.63 -20.62
CA MET A 1 27.21 7.62 -19.33
C MET A 1 27.79 6.60 -18.35
N LYS A 2 27.42 6.72 -17.08
CA LYS A 2 27.81 5.71 -16.08
C LYS A 2 26.99 4.43 -16.25
N GLU A 3 27.66 3.29 -16.14
CA GLU A 3 27.03 1.98 -16.31
C GLU A 3 26.13 1.64 -15.12
N PHE A 4 25.09 0.87 -15.38
CA PHE A 4 24.24 0.35 -14.30
C PHE A 4 23.68 -0.98 -14.71
N TYR A 5 23.40 -1.82 -13.71
CA TYR A 5 22.89 -3.16 -13.95
C TYR A 5 21.41 -3.14 -14.33
N LEU A 6 20.96 -4.22 -14.97
CA LEU A 6 19.54 -4.44 -15.26
C LEU A 6 19.07 -5.62 -14.43
N THR A 7 19.74 -6.76 -14.62
CA THR A 7 19.43 -7.92 -13.79
C THR A 7 20.72 -8.59 -13.37
N VAL A 8 20.62 -9.41 -12.33
CA VAL A 8 21.75 -10.22 -11.87
C VAL A 8 21.20 -11.54 -11.33
N GLU A 9 21.87 -12.63 -11.67
CA GLU A 9 21.52 -13.96 -11.15
C GLU A 9 22.78 -14.72 -10.72
N GLN A 10 22.62 -15.66 -9.80
CA GLN A 10 23.66 -16.65 -9.53
C GLN A 10 23.20 -17.99 -10.08
N ILE A 11 24.01 -18.57 -10.96
CA ILE A 11 23.76 -19.89 -11.53
C ILE A 11 25.06 -20.67 -11.37
N GLY A 12 25.07 -21.60 -10.41
CA GLY A 12 26.29 -22.34 -10.07
C GLY A 12 27.38 -21.39 -9.60
N ASP A 13 28.55 -21.47 -10.25
CA ASP A 13 29.68 -20.62 -9.91
C ASP A 13 29.77 -19.36 -10.77
N SER A 14 28.70 -19.11 -11.52
CA SER A 14 28.62 -17.95 -12.40
C SER A 14 27.62 -16.89 -11.95
N ILE A 15 28.02 -15.64 -12.05
CA ILE A 15 27.12 -14.51 -11.98
C ILE A 15 26.74 -14.14 -13.42
N PHE A 16 25.44 -14.15 -13.71
CA PHE A 16 24.89 -13.71 -14.99
C PHE A 16 24.27 -12.33 -14.79
N GLU A 17 24.80 -11.35 -15.52
CA GLU A 17 24.36 -9.97 -15.41
C GLU A 17 24.00 -9.38 -16.77
N ARG A 18 22.79 -8.83 -16.87
CA ARG A 18 22.39 -7.99 -17.97
C ARG A 18 22.58 -6.56 -17.46
N TYR A 19 23.16 -5.69 -18.28
CA TYR A 19 23.45 -4.32 -17.83
C TYR A 19 23.45 -3.31 -18.98
N ILE A 20 23.53 -2.03 -18.64
CA ILE A 20 23.66 -0.97 -19.63
C ILE A 20 25.10 -0.45 -19.60
N ASP A 21 25.80 -0.54 -20.73
CA ASP A 21 27.20 -0.09 -20.82
C ASP A 21 27.40 1.44 -20.95
N SER A 22 28.67 1.86 -21.03
CA SER A 22 29.04 3.29 -21.02
C SER A 22 28.43 4.08 -22.19
N ASN A 23 28.12 3.38 -23.27
CA ASN A 23 27.49 3.99 -24.43
C ASN A 23 25.96 3.88 -24.38
N GLY A 24 25.45 3.32 -23.29
CA GLY A 24 24.01 3.17 -23.13
C GLY A 24 23.44 2.00 -23.92
N ARG A 25 24.28 1.02 -24.24
CA ARG A 25 23.83 -0.18 -24.94
C ARG A 25 23.56 -1.31 -23.94
N GLU A 26 22.53 -2.13 -24.18
CA GLU A 26 22.30 -3.32 -23.36
C GLU A 26 23.30 -4.45 -23.68
N ARG A 27 23.89 -4.98 -22.62
CA ARG A 27 24.87 -6.05 -22.72
C ARG A 27 24.59 -7.12 -21.66
N THR A 28 25.11 -8.32 -21.90
CA THR A 28 25.05 -9.43 -20.95
C THR A 28 26.47 -9.92 -20.76
N ARG A 29 26.75 -10.49 -19.60
CA ARG A 29 28.04 -11.14 -19.35
C ARG A 29 27.94 -12.22 -18.28
N GLU A 30 28.69 -13.30 -18.47
CA GLU A 30 28.86 -14.33 -17.46
C GLU A 30 30.18 -14.06 -16.72
N VAL A 31 30.13 -14.00 -15.38
CA VAL A 31 31.32 -13.72 -14.56
C VAL A 31 31.55 -14.84 -13.55
N GLU A 32 32.76 -15.42 -13.54
CA GLU A 32 33.15 -16.40 -12.52
C GLU A 32 33.55 -15.61 -11.28
N TYR A 33 32.55 -15.27 -10.46
CA TYR A 33 32.75 -14.31 -9.39
C TYR A 33 33.52 -14.91 -8.23
N LYS A 34 34.53 -14.20 -7.75
CA LYS A 34 35.36 -14.69 -6.65
C LYS A 34 35.01 -13.95 -5.36
N PRO A 35 34.10 -14.54 -4.55
CA PRO A 35 33.61 -13.85 -3.35
C PRO A 35 34.61 -13.90 -2.20
N SER A 36 34.44 -12.98 -1.26
CA SER A 36 35.13 -13.05 0.02
C SER A 36 34.12 -13.12 1.17
N LEU A 37 34.49 -13.88 2.19
CA LEU A 37 33.83 -13.85 3.48
C LEU A 37 34.96 -13.64 4.50
N PHE A 38 34.61 -13.56 5.78
CA PHE A 38 35.59 -13.17 6.79
C PHE A 38 35.42 -14.00 8.05
N ALA A 39 36.52 -14.19 8.77
CA ALA A 39 36.51 -14.84 10.09
C ALA A 39 37.27 -13.95 11.06
N HIS A 40 36.83 -13.92 12.31
CA HIS A 40 37.57 -13.25 13.38
C HIS A 40 39.01 -13.78 13.45
N CYS A 41 39.94 -12.89 13.76
CA CYS A 41 41.38 -13.22 13.86
C CYS A 41 41.97 -12.55 15.09
N PRO A 42 43.20 -12.94 15.50
CA PRO A 42 43.78 -12.36 16.71
C PRO A 42 44.07 -10.88 16.55
N GLU A 43 44.10 -10.15 17.68
CA GLU A 43 44.34 -8.70 17.64
C GLU A 43 45.70 -8.35 17.05
N SER A 44 46.69 -9.20 17.34
CA SER A 44 48.05 -9.01 16.83
C SER A 44 48.11 -9.02 15.31
N GLN A 45 47.13 -9.65 14.67
CA GLN A 45 47.13 -9.79 13.22
C GLN A 45 46.63 -8.53 12.52
N ALA A 46 47.55 -7.83 11.85
CA ALA A 46 47.24 -6.61 11.10
C ALA A 46 46.28 -6.87 9.94
N THR A 47 45.27 -6.01 9.82
CA THR A 47 44.23 -6.16 8.81
C THR A 47 43.56 -4.81 8.57
N LYS A 48 42.86 -4.65 7.46
CA LYS A 48 42.05 -3.43 7.29
C LYS A 48 40.57 -3.70 7.54
N TYR A 49 40.25 -4.95 7.86
CA TYR A 49 38.85 -5.37 8.03
C TYR A 49 38.49 -5.58 9.49
N PHE A 50 37.38 -4.93 9.89
CA PHE A 50 36.87 -5.03 11.25
C PHE A 50 35.39 -5.35 11.22
N ASP A 51 34.92 -6.11 12.20
CA ASP A 51 33.49 -6.29 12.33
C ASP A 51 32.89 -5.03 12.94
N ILE A 52 31.57 -4.97 13.06
CA ILE A 52 30.92 -3.72 13.44
C ILE A 52 31.19 -3.35 14.90
N TYR A 53 31.63 -4.32 15.71
CA TYR A 53 32.03 -4.08 17.09
C TYR A 53 33.52 -3.74 17.23
N GLY A 54 34.22 -3.71 16.09
CA GLY A 54 35.64 -3.35 16.04
C GLY A 54 36.64 -4.47 16.24
N LYS A 55 36.19 -5.73 16.23
CA LYS A 55 37.09 -6.87 16.33
C LYS A 55 37.69 -7.14 14.94
N PRO A 56 39.01 -7.40 14.86
CA PRO A 56 39.62 -7.59 13.55
C PRO A 56 39.18 -8.89 12.89
N CYS A 57 39.00 -8.86 11.57
CA CYS A 57 38.75 -10.09 10.80
C CYS A 57 39.83 -10.28 9.74
N THR A 58 39.98 -11.54 9.31
CA THR A 58 40.84 -11.86 8.19
C THR A 58 39.94 -12.14 6.98
N ARG A 59 40.37 -11.75 5.77
CA ARG A 59 39.57 -11.97 4.56
C ARG A 59 39.82 -13.34 3.95
N LYS A 60 38.75 -14.08 3.64
CA LYS A 60 38.88 -15.35 2.91
C LYS A 60 38.41 -15.17 1.47
N LEU A 61 39.37 -15.06 0.56
CA LEU A 61 39.08 -14.96 -0.87
C LEU A 61 38.87 -16.37 -1.39
N PHE A 62 37.72 -16.63 -2.00
CA PHE A 62 37.44 -17.98 -2.49
C PHE A 62 37.64 -18.12 -3.99
N ALA A 63 38.06 -19.32 -4.40
CA ALA A 63 38.25 -19.63 -5.82
C ALA A 63 36.92 -19.56 -6.57
N ASN A 64 35.83 -19.94 -5.90
CA ASN A 64 34.49 -19.84 -6.50
C ASN A 64 33.42 -19.74 -5.42
N MET A 65 32.15 -19.57 -5.84
CA MET A 65 31.02 -19.38 -4.92
C MET A 65 30.63 -20.64 -4.14
N ARG A 66 30.75 -21.80 -4.77
CA ARG A 66 30.52 -23.07 -4.09
C ARG A 66 31.48 -23.27 -2.91
N ASP A 67 32.75 -23.00 -3.14
CA ASP A 67 33.77 -23.05 -2.07
C ASP A 67 33.37 -22.17 -0.90
N ALA A 68 32.94 -20.94 -1.19
CA ALA A 68 32.47 -20.04 -0.15
C ALA A 68 31.32 -20.62 0.66
N SER A 69 30.33 -21.17 -0.03
CA SER A 69 29.17 -21.85 0.59
C SER A 69 29.59 -23.03 1.47
N GLN A 70 30.44 -23.90 0.92
CA GLN A 70 30.94 -25.06 1.65
C GLN A 70 31.71 -24.64 2.88
N TRP A 71 32.41 -23.51 2.78
CA TRP A 71 33.15 -22.97 3.92
C TRP A 71 32.23 -22.51 5.04
N ILE A 72 31.11 -21.89 4.68
CA ILE A 72 30.10 -21.50 5.67
C ILE A 72 29.62 -22.72 6.46
N LYS A 73 29.38 -23.82 5.75
CA LYS A 73 28.93 -25.07 6.36
C LYS A 73 29.96 -25.61 7.36
N ARG A 74 31.23 -25.62 6.97
CA ARG A 74 32.31 -26.07 7.85
C ARG A 74 32.45 -25.17 9.09
N MET A 75 32.39 -23.86 8.88
CA MET A 75 32.44 -22.90 9.99
C MET A 75 31.31 -23.14 10.97
N GLU A 76 30.12 -23.44 10.43
CA GLU A 76 28.97 -23.79 11.24
C GLU A 76 29.21 -25.07 12.05
N ASP A 77 29.84 -26.07 11.41
CA ASP A 77 30.17 -27.35 12.03
C ASP A 77 31.24 -27.22 13.11
N ILE A 78 32.19 -26.31 12.88
CA ILE A 78 33.23 -25.99 13.88
C ILE A 78 32.62 -25.20 15.04
N GLY A 79 31.65 -24.35 14.74
CA GLY A 79 31.03 -23.53 15.77
C GLY A 79 31.56 -22.11 15.85
N LEU A 80 32.00 -21.55 14.72
CA LEU A 80 32.54 -20.18 14.64
C LEU A 80 31.84 -19.36 13.56
N GLU A 81 31.74 -18.05 13.79
CA GLU A 81 31.03 -17.12 12.92
C GLU A 81 31.70 -16.98 11.56
N ALA A 82 30.90 -17.10 10.50
CA ALA A 82 31.36 -16.83 9.14
C ALA A 82 30.76 -15.49 8.76
N LEU A 83 31.56 -14.44 8.77
CA LEU A 83 31.06 -13.09 8.55
C LEU A 83 31.10 -12.71 7.06
N GLY A 84 30.34 -11.67 6.69
CA GLY A 84 30.38 -11.10 5.35
C GLY A 84 29.08 -11.36 4.61
N MET A 85 28.92 -10.77 3.42
CA MET A 85 27.69 -10.95 2.65
C MET A 85 27.60 -12.35 2.04
N ASP A 86 26.64 -13.16 2.50
CA ASP A 86 26.47 -14.55 2.04
C ASP A 86 25.57 -14.68 0.80
N ASP A 87 24.83 -13.62 0.47
CA ASP A 87 24.13 -13.49 -0.81
C ASP A 87 25.11 -12.91 -1.82
N PHE A 88 25.73 -13.77 -2.61
CA PHE A 88 26.86 -13.35 -3.43
C PHE A 88 26.53 -12.36 -4.53
N LYS A 89 25.32 -12.41 -5.06
CA LYS A 89 24.95 -11.45 -6.09
C LYS A 89 24.81 -10.01 -5.57
N LEU A 90 24.45 -9.87 -4.29
CA LEU A 90 24.54 -8.58 -3.63
C LEU A 90 26.00 -8.11 -3.50
N ALA A 91 26.91 -9.04 -3.14
CA ALA A 91 28.33 -8.70 -3.08
C ALA A 91 28.82 -8.23 -4.44
N TYR A 92 28.48 -9.02 -5.47
CA TYR A 92 28.86 -8.71 -6.84
C TYR A 92 28.38 -7.32 -7.26
N LEU A 93 27.11 -7.01 -6.99
CA LEU A 93 26.57 -5.70 -7.33
C LEU A 93 27.38 -4.59 -6.64
N SER A 94 27.68 -4.80 -5.37
CA SER A 94 28.42 -3.82 -4.56
C SER A 94 29.86 -3.57 -5.05
N ASP A 95 30.52 -4.66 -5.49
CA ASP A 95 31.84 -4.57 -6.09
C ASP A 95 31.82 -3.94 -7.47
N THR A 96 30.82 -4.28 -8.27
CA THR A 96 30.75 -3.82 -9.65
C THR A 96 30.28 -2.37 -9.73
N TYR A 97 29.45 -1.96 -8.77
CA TYR A 97 28.85 -0.64 -8.75
C TYR A 97 29.16 0.10 -7.44
N ASN A 98 30.44 0.38 -7.25
CA ASN A 98 30.96 1.07 -6.08
C ASN A 98 30.85 2.60 -6.24
N TYR A 99 29.62 3.07 -6.33
CA TYR A 99 29.27 4.48 -6.53
C TYR A 99 27.75 4.57 -6.52
N GLU A 100 27.22 5.77 -6.33
CA GLU A 100 25.78 6.00 -6.34
C GLU A 100 25.24 5.76 -7.76
N ILE A 101 24.40 4.75 -7.92
CA ILE A 101 23.88 4.42 -9.23
C ILE A 101 22.97 5.50 -9.75
N LYS A 102 23.30 6.00 -10.94
CA LYS A 102 22.50 6.96 -11.67
C LYS A 102 22.02 6.20 -12.90
N TYR A 103 20.73 5.88 -12.93
CA TYR A 103 20.18 5.00 -13.97
C TYR A 103 19.30 5.80 -14.94
N ASP A 104 19.11 5.25 -16.13
CA ASP A 104 18.31 5.92 -17.15
C ASP A 104 17.18 4.99 -17.59
N HIS A 105 16.00 5.23 -17.03
CA HIS A 105 14.83 4.39 -17.26
C HIS A 105 14.49 4.17 -18.73
N THR A 106 14.84 5.12 -19.59
CA THR A 106 14.55 5.00 -21.03
C THR A 106 15.37 3.88 -21.71
N LYS A 107 16.45 3.43 -21.05
CA LYS A 107 17.28 2.31 -21.54
C LYS A 107 16.82 0.97 -20.98
N ILE A 108 15.91 1.02 -20.00
CA ILE A 108 15.40 -0.18 -19.36
C ILE A 108 14.15 -0.67 -20.07
N ARG A 109 14.19 -1.89 -20.59
CA ARG A 109 13.04 -2.46 -21.29
C ARG A 109 11.95 -2.93 -20.31
N VAL A 110 10.87 -2.17 -20.22
CA VAL A 110 9.73 -2.56 -19.38
C VAL A 110 8.62 -3.14 -20.26
N ALA A 111 8.23 -4.37 -19.97
CA ALA A 111 7.21 -5.08 -20.75
C ALA A 111 5.94 -5.27 -19.98
N ASN A 112 4.83 -4.93 -20.62
CA ASN A 112 3.50 -5.08 -20.06
C ASN A 112 2.72 -5.97 -21.01
N PHE A 113 2.30 -7.12 -20.52
CA PHE A 113 1.57 -8.04 -21.39
C PHE A 113 0.40 -8.74 -20.72
N ASP A 114 -0.44 -9.34 -21.55
CA ASP A 114 -1.60 -10.11 -21.12
C ASP A 114 -1.97 -11.04 -22.27
N ILE A 115 -2.58 -12.16 -21.92
CA ILE A 115 -2.94 -13.18 -22.90
C ILE A 115 -4.40 -13.56 -22.74
N GLU A 116 -5.01 -14.01 -23.83
CA GLU A 116 -6.34 -14.61 -23.75
C GLU A 116 -6.23 -16.11 -24.05
N VAL A 117 -7.15 -16.88 -23.46
CA VAL A 117 -7.19 -18.34 -23.60
C VAL A 117 -8.68 -18.74 -23.53
N THR A 118 -9.28 -19.08 -24.66
CA THR A 118 -10.66 -19.59 -24.65
C THR A 118 -10.72 -20.97 -24.00
N SER A 119 -11.63 -21.13 -23.05
CA SER A 119 -11.78 -22.39 -22.35
C SER A 119 -13.25 -22.75 -22.10
N PRO A 120 -13.78 -23.72 -22.86
CA PRO A 120 -15.16 -24.16 -22.67
C PRO A 120 -15.36 -25.06 -21.43
N ASP A 121 -14.29 -25.41 -20.72
CA ASP A 121 -14.44 -26.33 -19.58
C ASP A 121 -13.95 -25.82 -18.24
N GLY A 122 -14.24 -24.56 -17.94
CA GLY A 122 -13.80 -23.94 -16.70
C GLY A 122 -12.54 -23.13 -16.88
N PHE A 123 -12.09 -22.49 -15.81
CA PHE A 123 -10.87 -21.70 -15.80
C PHE A 123 -9.69 -22.47 -16.43
N PRO A 124 -8.94 -21.82 -17.34
CA PRO A 124 -7.77 -22.51 -17.91
C PRO A 124 -6.57 -22.49 -16.96
N GLU A 125 -6.38 -23.61 -16.25
CA GLU A 125 -5.26 -23.76 -15.29
C GLU A 125 -3.90 -23.67 -15.96
N PRO A 126 -3.04 -22.73 -15.51
CA PRO A 126 -1.70 -22.56 -16.08
C PRO A 126 -0.84 -23.81 -16.01
N SER A 127 -0.98 -24.59 -14.94
CA SER A 127 -0.11 -25.76 -14.76
C SER A 127 -0.40 -26.83 -15.81
N GLN A 128 -1.61 -26.85 -16.36
CA GLN A 128 -1.99 -27.86 -17.36
C GLN A 128 -1.93 -27.28 -18.75
N ALA A 129 -2.27 -26.00 -18.90
CA ALA A 129 -2.16 -25.29 -20.17
C ALA A 129 -2.70 -26.10 -21.35
N LYS A 130 -3.88 -26.69 -21.16
CA LYS A 130 -4.42 -27.60 -22.16
C LYS A 130 -5.17 -26.89 -23.28
N HIS A 131 -5.35 -25.58 -23.16
CA HIS A 131 -6.09 -24.81 -24.16
C HIS A 131 -5.18 -23.84 -24.90
N PRO A 132 -5.52 -23.57 -26.18
CA PRO A 132 -4.72 -22.67 -27.02
C PRO A 132 -4.68 -21.23 -26.52
N ILE A 133 -3.49 -20.62 -26.56
CA ILE A 133 -3.36 -19.17 -26.40
C ILE A 133 -3.83 -18.49 -27.70
N ASP A 134 -4.89 -17.70 -27.62
CA ASP A 134 -5.48 -17.15 -28.85
C ASP A 134 -5.39 -15.62 -28.95
N ALA A 135 -4.68 -15.00 -28.01
CA ALA A 135 -4.33 -13.58 -28.12
C ALA A 135 -3.22 -13.30 -27.15
N ILE A 136 -2.27 -12.47 -27.61
CA ILE A 136 -1.27 -11.85 -26.73
C ILE A 136 -1.14 -10.38 -27.14
N THR A 137 -1.23 -9.49 -26.15
CA THR A 137 -0.82 -8.11 -26.35
C THR A 137 0.37 -7.82 -25.44
N HIS A 138 1.44 -7.34 -26.06
CA HIS A 138 2.71 -7.15 -25.37
C HIS A 138 3.17 -5.73 -25.69
N TYR A 139 3.16 -4.89 -24.66
CA TYR A 139 3.63 -3.52 -24.81
C TYR A 139 5.09 -3.41 -24.40
N ASP A 140 5.90 -2.81 -25.28
CA ASP A 140 7.31 -2.63 -25.04
C ASP A 140 7.59 -1.15 -24.81
N SER A 141 8.19 -0.82 -23.67
CA SER A 141 8.42 0.57 -23.27
C SER A 141 9.48 1.29 -24.11
N ILE A 142 10.42 0.53 -24.67
CA ILE A 142 11.48 1.12 -25.48
C ILE A 142 10.95 1.46 -26.88
N ASP A 143 10.17 0.57 -27.47
CA ASP A 143 9.52 0.82 -28.76
C ASP A 143 8.31 1.74 -28.63
N ASP A 144 7.71 1.79 -27.44
CA ASP A 144 6.42 2.44 -27.21
C ASP A 144 5.38 1.88 -28.19
N ARG A 145 5.30 0.55 -28.27
CA ARG A 145 4.39 -0.14 -29.19
C ARG A 145 3.63 -1.28 -28.53
N PHE A 146 2.36 -1.45 -28.90
CA PHE A 146 1.58 -2.60 -28.46
C PHE A 146 1.62 -3.67 -29.55
N TYR A 147 2.40 -4.73 -29.31
CA TYR A 147 2.52 -5.85 -30.24
C TYR A 147 1.40 -6.83 -29.95
N VAL A 148 0.53 -7.02 -30.94
CA VAL A 148 -0.67 -7.85 -30.79
C VAL A 148 -0.57 -9.12 -31.63
N PHE A 149 -0.68 -10.27 -30.96
CA PHE A 149 -0.59 -11.58 -31.60
C PHE A 149 -1.95 -12.23 -31.61
N ASP A 150 -2.52 -12.39 -32.80
CA ASP A 150 -3.93 -12.75 -32.90
C ASP A 150 -4.11 -14.09 -33.59
N LEU A 151 -4.67 -15.05 -32.86
CA LEU A 151 -4.94 -16.38 -33.42
C LEU A 151 -6.27 -16.43 -34.17
N LEU A 152 -6.22 -16.64 -35.49
CA LEU A 152 -7.43 -16.71 -36.32
C LEU A 152 -8.06 -18.10 -36.39
N ASN A 153 -7.24 -19.15 -36.29
CA ASN A 153 -7.74 -20.53 -36.37
C ASN A 153 -7.53 -21.31 -35.09
N SER A 154 -8.62 -21.83 -34.55
CA SER A 154 -8.60 -22.55 -33.29
C SER A 154 -9.62 -23.68 -33.34
N PRO A 155 -9.35 -24.77 -32.61
CA PRO A 155 -10.38 -25.80 -32.37
C PRO A 155 -11.69 -25.23 -31.82
N TYR A 156 -11.60 -24.07 -31.16
CA TYR A 156 -12.79 -23.41 -30.61
C TYR A 156 -13.37 -22.33 -31.52
N GLY A 157 -12.90 -22.29 -32.76
CA GLY A 157 -13.49 -21.43 -33.77
C GLY A 157 -12.48 -20.77 -34.67
N ASN A 158 -12.83 -20.60 -35.94
CA ASN A 158 -12.06 -19.84 -36.91
C ASN A 158 -12.68 -18.47 -37.12
N VAL A 159 -11.87 -17.43 -36.91
CA VAL A 159 -12.39 -16.06 -36.94
C VAL A 159 -11.68 -15.22 -38.00
N GLU A 160 -12.25 -14.07 -38.32
CA GLU A 160 -11.62 -13.12 -39.23
C GLU A 160 -10.62 -12.26 -38.48
N GLU A 161 -9.80 -11.52 -39.22
CA GLU A 161 -8.85 -10.56 -38.65
C GLU A 161 -9.57 -9.46 -37.87
N TRP A 162 -8.86 -8.90 -36.89
CA TRP A 162 -9.36 -7.78 -36.11
C TRP A 162 -9.21 -6.49 -36.90
N SER A 163 -10.24 -5.65 -36.84
CA SER A 163 -10.23 -4.39 -37.59
C SER A 163 -9.84 -3.21 -36.70
N ILE A 164 -8.72 -2.58 -37.02
CA ILE A 164 -8.26 -1.40 -36.27
C ILE A 164 -9.22 -0.22 -36.43
N GLU A 165 -9.86 -0.14 -37.59
CA GLU A 165 -10.77 0.95 -37.90
C GLU A 165 -12.01 0.83 -37.05
N ILE A 166 -12.53 -0.39 -36.91
CA ILE A 166 -13.69 -0.66 -36.04
C ILE A 166 -13.32 -0.49 -34.56
N ALA A 167 -12.12 -0.91 -34.20
CA ALA A 167 -11.63 -0.80 -32.82
C ALA A 167 -11.60 0.65 -32.34
N ALA A 168 -11.28 1.58 -33.23
CA ALA A 168 -11.19 3.02 -32.88
C ALA A 168 -12.56 3.72 -32.80
N LYS A 169 -13.57 3.18 -33.49
CA LYS A 169 -14.92 3.77 -33.47
C LYS A 169 -15.51 3.77 -32.06
N LEU A 170 -16.39 4.73 -31.80
CA LEU A 170 -17.12 4.77 -30.52
C LEU A 170 -17.94 3.49 -30.36
N GLN A 171 -18.24 3.12 -29.11
CA GLN A 171 -19.08 1.93 -28.88
C GLN A 171 -20.50 2.15 -29.39
N GLU A 172 -21.02 3.35 -29.15
CA GLU A 172 -22.33 3.81 -29.63
C GLU A 172 -22.42 3.78 -31.16
N GLN A 173 -21.27 3.55 -31.79
CA GLN A 173 -21.10 3.50 -33.24
C GLN A 173 -20.76 2.06 -33.68
N GLY A 174 -20.81 1.12 -32.74
CA GLY A 174 -20.50 -0.29 -33.05
C GLY A 174 -19.03 -0.66 -32.93
N GLY A 175 -18.19 0.29 -32.52
CA GLY A 175 -16.77 0.05 -32.40
C GLY A 175 -16.37 -0.36 -31.00
N ASP A 176 -15.08 -0.29 -30.70
CA ASP A 176 -14.63 -0.74 -29.39
C ASP A 176 -14.07 0.38 -28.54
N GLU A 177 -14.01 1.58 -29.09
CA GLU A 177 -13.46 2.74 -28.41
C GLU A 177 -12.07 2.48 -27.85
N VAL A 178 -11.21 1.86 -28.65
CA VAL A 178 -9.80 1.78 -28.29
C VAL A 178 -9.27 3.21 -28.26
N PRO A 179 -8.69 3.65 -27.12
CA PRO A 179 -8.30 5.06 -27.00
C PRO A 179 -7.44 5.52 -28.17
N SER A 180 -7.82 6.64 -28.77
CA SER A 180 -7.16 7.18 -29.97
C SER A 180 -5.65 7.38 -29.83
N GLU A 181 -5.19 7.73 -28.62
CA GLU A 181 -3.77 7.98 -28.39
C GLU A 181 -2.86 6.73 -28.46
N ILE A 182 -3.45 5.54 -28.61
CA ILE A 182 -2.65 4.30 -28.81
C ILE A 182 -2.92 3.60 -30.15
N ILE A 183 -3.94 4.07 -30.86
CA ILE A 183 -4.27 3.50 -32.17
C ILE A 183 -3.03 3.38 -33.09
N ASP A 184 -2.26 4.46 -33.17
CA ASP A 184 -1.08 4.54 -34.03
C ASP A 184 0.12 3.76 -33.49
N LYS A 185 0.00 3.29 -32.25
CA LYS A 185 1.06 2.53 -31.58
C LYS A 185 0.88 1.02 -31.64
N ILE A 186 -0.22 0.57 -32.25
CA ILE A 186 -0.52 -0.86 -32.36
C ILE A 186 0.15 -1.51 -33.58
N ILE A 187 0.88 -2.59 -33.34
CA ILE A 187 1.43 -3.42 -34.41
C ILE A 187 0.72 -4.76 -34.36
N TYR A 188 -0.15 -4.99 -35.35
CA TYR A 188 -1.06 -6.12 -35.31
C TYR A 188 -0.57 -7.26 -36.20
N MET A 189 -0.53 -8.46 -35.65
CA MET A 189 0.03 -9.62 -36.35
C MET A 189 -0.91 -10.82 -36.23
N PRO A 190 -1.62 -11.17 -37.33
CA PRO A 190 -2.51 -12.34 -37.33
C PRO A 190 -1.73 -13.62 -37.63
N PHE A 191 -2.26 -14.76 -37.18
CA PHE A 191 -1.63 -16.07 -37.39
C PHE A 191 -2.71 -17.10 -37.66
N ASP A 192 -2.44 -17.99 -38.62
CA ASP A 192 -3.35 -19.04 -39.02
C ASP A 192 -3.30 -20.27 -38.10
N ASN A 193 -2.28 -20.36 -37.25
CA ASN A 193 -2.13 -21.46 -36.28
C ASN A 193 -1.29 -21.07 -35.07
N GLU A 194 -1.58 -21.72 -33.93
CA GLU A 194 -1.01 -21.36 -32.64
C GLU A 194 0.50 -21.54 -32.60
N LYS A 195 0.99 -22.60 -33.24
CA LYS A 195 2.42 -22.91 -33.25
C LYS A 195 3.22 -21.78 -33.87
N GLU A 196 2.71 -21.22 -34.98
CA GLU A 196 3.33 -20.08 -35.63
C GLU A 196 3.33 -18.87 -34.70
N LEU A 197 2.17 -18.59 -34.09
CA LEU A 197 2.04 -17.50 -33.11
C LEU A 197 3.09 -17.62 -31.98
N LEU A 198 3.12 -18.78 -31.32
CA LEU A 198 4.03 -18.98 -30.20
C LEU A 198 5.50 -18.89 -30.63
N MET A 199 5.82 -19.48 -31.79
CA MET A 199 7.18 -19.43 -32.34
C MET A 199 7.61 -17.99 -32.60
N GLU A 200 6.74 -17.23 -33.25
CA GLU A 200 7.03 -15.83 -33.53
C GLU A 200 7.07 -15.01 -32.23
N TYR A 201 6.23 -15.36 -31.25
CA TYR A 201 6.25 -14.68 -29.95
C TYR A 201 7.61 -14.86 -29.26
N LEU A 202 8.17 -16.06 -29.38
CA LEU A 202 9.49 -16.33 -28.80
C LEU A 202 10.61 -15.60 -29.52
N ASN A 203 10.53 -15.54 -30.84
CA ASN A 203 11.55 -14.81 -31.62
C ASN A 203 11.54 -13.31 -31.28
N PHE A 204 10.33 -12.74 -31.25
CA PHE A 204 10.07 -11.38 -30.78
C PHE A 204 10.67 -11.17 -29.38
N TRP A 205 10.34 -12.09 -28.47
CA TRP A 205 10.83 -12.05 -27.09
C TRP A 205 12.35 -11.99 -27.04
N GLN A 206 13.02 -12.75 -27.93
CA GLN A 206 14.49 -12.75 -27.99
C GLN A 206 15.06 -11.41 -28.45
N GLN A 207 14.41 -10.79 -29.44
CA GLN A 207 14.81 -9.46 -29.91
C GLN A 207 14.53 -8.38 -28.89
N LYS A 208 13.46 -8.53 -28.12
CA LYS A 208 13.02 -7.51 -27.17
C LYS A 208 12.79 -8.16 -25.79
N THR A 209 13.88 -8.57 -25.15
CA THR A 209 13.81 -9.32 -23.90
C THR A 209 13.53 -8.41 -22.72
N PRO A 210 12.37 -8.60 -22.08
CA PRO A 210 12.00 -7.73 -20.96
C PRO A 210 13.10 -7.71 -19.92
N VAL A 211 13.34 -6.54 -19.32
CA VAL A 211 14.13 -6.46 -18.09
C VAL A 211 13.15 -6.48 -16.90
N ILE A 212 12.23 -5.51 -16.88
CA ILE A 212 11.09 -5.53 -15.94
C ILE A 212 9.88 -6.10 -16.69
N LEU A 213 9.25 -7.13 -16.14
CA LEU A 213 8.10 -7.75 -16.76
C LEU A 213 6.90 -7.52 -15.87
N THR A 214 5.86 -6.87 -16.40
CA THR A 214 4.72 -6.55 -15.56
C THR A 214 3.40 -6.81 -16.28
N GLY A 215 2.31 -6.33 -15.69
CA GLY A 215 0.98 -6.65 -16.17
C GLY A 215 0.10 -7.07 -15.00
N TRP A 216 -1.13 -7.48 -15.31
CA TRP A 216 -2.09 -7.75 -14.27
C TRP A 216 -2.23 -9.23 -14.01
N ASN A 217 -1.73 -9.70 -12.87
CA ASN A 217 -1.80 -11.12 -12.55
C ASN A 217 -0.84 -11.96 -13.44
N VAL A 218 0.13 -11.30 -14.06
CA VAL A 218 1.09 -12.02 -14.92
C VAL A 218 1.82 -13.18 -14.19
N GLU A 219 2.10 -13.03 -12.90
CA GLU A 219 2.85 -14.06 -12.18
C GLU A 219 2.04 -15.33 -11.92
N SER A 220 0.75 -15.17 -11.65
CA SER A 220 -0.10 -16.33 -11.35
C SER A 220 -0.79 -16.92 -12.57
N PHE A 221 -0.97 -16.12 -13.62
CA PHE A 221 -1.64 -16.63 -14.81
C PHE A 221 -0.81 -16.60 -16.09
N ALA A 222 -0.49 -15.40 -16.58
CA ALA A 222 0.05 -15.27 -17.93
C ALA A 222 1.42 -15.93 -18.11
N ILE A 223 2.35 -15.71 -17.18
CA ILE A 223 3.70 -16.26 -17.32
C ILE A 223 3.68 -17.80 -17.23
N PRO A 224 3.16 -18.37 -16.12
CA PRO A 224 3.10 -19.83 -16.11
C PRO A 224 2.26 -20.42 -17.26
N TYR A 225 1.20 -19.73 -17.72
CA TYR A 225 0.42 -20.27 -18.82
C TYR A 225 1.24 -20.31 -20.09
N VAL A 226 1.89 -19.19 -20.43
CA VAL A 226 2.72 -19.11 -21.63
C VAL A 226 3.83 -20.17 -21.57
N TYR A 227 4.56 -20.21 -20.45
CA TYR A 227 5.64 -21.17 -20.24
C TYR A 227 5.16 -22.61 -20.39
N ASN A 228 4.04 -22.96 -19.74
CA ASN A 228 3.59 -24.36 -19.78
C ASN A 228 2.98 -24.75 -21.10
N ARG A 229 2.33 -23.79 -21.76
CA ARG A 229 1.77 -24.05 -23.08
C ARG A 229 2.86 -24.30 -24.12
N ILE A 230 3.90 -23.48 -24.11
CA ILE A 230 5.05 -23.66 -24.98
C ILE A 230 5.75 -24.98 -24.68
N LYS A 231 5.94 -25.30 -23.39
CA LYS A 231 6.51 -26.59 -22.97
C LYS A 231 5.73 -27.79 -23.55
N ASN A 232 4.40 -27.77 -23.41
CA ASN A 232 3.57 -28.88 -23.87
C ASN A 232 3.63 -29.09 -25.39
N ILE A 233 3.79 -28.01 -26.14
CA ILE A 233 3.80 -28.05 -27.62
C ILE A 233 5.20 -28.31 -28.20
N PHE A 234 6.22 -27.67 -27.64
CA PHE A 234 7.59 -27.71 -28.19
C PHE A 234 8.62 -28.43 -27.34
N GLY A 235 8.32 -28.60 -26.05
CA GLY A 235 9.31 -29.14 -25.12
C GLY A 235 9.86 -28.09 -24.19
N GLU A 236 10.37 -28.54 -23.05
CA GLU A 236 10.85 -27.65 -21.99
C GLU A 236 11.97 -26.70 -22.42
N SER A 237 12.93 -27.18 -23.21
CA SER A 237 14.05 -26.32 -23.57
C SER A 237 13.66 -25.16 -24.49
N THR A 238 12.59 -25.33 -25.27
CA THR A 238 11.99 -24.22 -26.01
C THR A 238 11.32 -23.24 -25.04
N ALA A 239 10.62 -23.79 -24.04
CA ALA A 239 9.94 -22.95 -23.05
C ALA A 239 10.96 -22.14 -22.24
N LYS A 240 12.13 -22.73 -22.04
CA LYS A 240 13.26 -22.07 -21.36
C LYS A 240 13.83 -20.85 -22.09
N ARG A 241 13.50 -20.69 -23.37
CA ARG A 241 13.88 -19.51 -24.13
C ARG A 241 13.25 -18.22 -23.57
N LEU A 242 12.22 -18.34 -22.74
CA LEU A 242 11.66 -17.16 -22.04
C LEU A 242 12.66 -16.55 -21.04
N SER A 243 13.74 -17.28 -20.76
CA SER A 243 14.82 -16.80 -19.91
C SER A 243 16.04 -16.53 -20.78
N PRO A 244 16.60 -15.30 -20.68
CA PRO A 244 17.81 -14.92 -21.44
C PRO A 244 19.03 -15.78 -21.12
N HIS A 245 19.01 -16.48 -19.98
CA HIS A 245 20.07 -17.39 -19.59
C HIS A 245 19.65 -18.85 -19.74
N ARG A 246 18.47 -19.07 -20.35
CA ARG A 246 17.90 -20.42 -20.55
C ARG A 246 17.70 -21.22 -19.25
N LYS A 247 17.38 -20.52 -18.17
CA LYS A 247 17.17 -21.17 -16.87
C LYS A 247 15.91 -20.69 -16.20
N THR A 248 15.14 -21.67 -15.74
CA THR A 248 13.90 -21.41 -15.04
C THR A 248 13.82 -22.34 -13.83
N ARG A 249 12.99 -21.99 -12.85
CA ARG A 249 12.66 -22.88 -11.74
C ARG A 249 11.14 -22.89 -11.55
N VAL A 250 10.56 -24.07 -11.44
CA VAL A 250 9.11 -24.25 -11.29
C VAL A 250 8.71 -24.41 -9.82
N LYS A 251 7.85 -23.53 -9.35
CA LYS A 251 7.34 -23.58 -7.97
C LYS A 251 5.86 -24.00 -7.92
N VAL A 252 5.62 -25.24 -7.48
CA VAL A 252 4.28 -25.83 -7.41
C VAL A 252 3.57 -25.55 -6.07
N ILE A 253 2.69 -24.54 -6.08
CA ILE A 253 1.89 -24.14 -4.92
C ILE A 253 0.53 -23.65 -5.40
N GLU A 254 -0.56 -24.41 -5.21
CA GLU A 254 -0.68 -25.72 -4.54
C GLU A 254 -1.88 -25.66 -3.59
N ASN A 255 -3.07 -25.67 -4.20
CA ASN A 255 -4.33 -25.46 -3.50
C ASN A 255 -4.73 -26.63 -2.58
N MET A 256 -4.15 -27.80 -2.83
CA MET A 256 -4.62 -29.08 -2.27
C MET A 256 -6.07 -29.29 -2.69
N TYR A 257 -6.23 -29.78 -3.93
CA TYR A 257 -7.52 -29.90 -4.64
C TYR A 257 -7.91 -28.56 -5.29
N GLY A 258 -7.25 -28.18 -6.39
CA GLY A 258 -6.17 -28.97 -7.02
C GLY A 258 -4.78 -28.44 -6.70
N SER A 259 -4.23 -27.64 -7.63
CA SER A 259 -2.89 -27.05 -7.48
C SER A 259 -2.58 -25.99 -8.54
N ARG A 260 -1.47 -25.27 -8.34
CA ARG A 260 -0.94 -24.30 -9.33
C ARG A 260 0.58 -24.15 -9.19
N GLU A 261 1.17 -23.19 -9.90
CA GLU A 261 2.63 -23.01 -9.90
C GLU A 261 3.14 -21.61 -10.28
N ILE A 262 4.23 -21.18 -9.64
CA ILE A 262 4.95 -19.95 -10.03
C ILE A 262 6.26 -20.33 -10.73
N ILE A 263 6.56 -19.63 -11.81
CA ILE A 263 7.75 -19.87 -12.61
C ILE A 263 8.75 -18.74 -12.42
N THR A 264 9.98 -19.08 -12.09
CA THR A 264 11.03 -18.09 -12.01
C THR A 264 11.75 -18.09 -13.35
N LEU A 265 11.73 -16.95 -14.02
CA LEU A 265 12.49 -16.75 -15.24
C LEU A 265 13.78 -16.04 -14.87
N PHE A 266 14.89 -16.78 -14.88
CA PHE A 266 16.18 -16.21 -14.49
C PHE A 266 16.60 -15.13 -15.47
N GLY A 267 17.05 -13.99 -14.96
CA GLY A 267 17.52 -12.88 -15.80
C GLY A 267 16.37 -11.95 -16.19
N ILE A 268 15.20 -12.20 -15.63
CA ILE A 268 14.09 -11.26 -15.73
C ILE A 268 13.65 -10.86 -14.32
N SER A 269 13.24 -9.59 -14.16
CA SER A 269 12.68 -9.14 -12.88
C SER A 269 11.18 -8.96 -13.07
N VAL A 270 10.41 -9.93 -12.58
CA VAL A 270 8.97 -9.89 -12.65
C VAL A 270 8.40 -9.02 -11.52
N LEU A 271 7.66 -7.98 -11.90
CA LEU A 271 6.92 -7.15 -10.93
C LEU A 271 5.45 -7.14 -11.32
N ASP A 272 4.70 -8.11 -10.80
CA ASP A 272 3.29 -8.22 -11.12
C ASP A 272 2.57 -6.96 -10.61
N TYR A 273 1.87 -6.24 -11.48
CA TYR A 273 1.26 -4.99 -11.06
C TYR A 273 0.29 -5.15 -9.91
N ILE A 274 -0.44 -6.27 -9.87
CA ILE A 274 -1.28 -6.56 -8.73
C ILE A 274 -0.47 -6.55 -7.41
N ASP A 275 0.76 -7.09 -7.44
CA ASP A 275 1.59 -7.11 -6.22
C ASP A 275 2.14 -5.74 -5.87
N LEU A 276 2.56 -5.00 -6.90
CA LEU A 276 2.99 -3.62 -6.73
C LEU A 276 1.87 -2.81 -6.10
N TYR A 277 0.65 -3.00 -6.62
CA TYR A 277 -0.52 -2.24 -6.18
C TYR A 277 -0.83 -2.51 -4.70
N LYS A 278 -0.88 -3.79 -4.33
CA LYS A 278 -1.16 -4.19 -2.94
C LYS A 278 -0.10 -3.68 -1.94
N LYS A 279 1.17 -3.68 -2.34
CA LYS A 279 2.22 -3.17 -1.46
C LYS A 279 2.30 -1.65 -1.41
N PHE A 280 2.12 -1.00 -2.57
CA PHE A 280 2.48 0.41 -2.65
C PHE A 280 1.31 1.39 -2.59
N SER A 281 0.09 0.89 -2.81
CA SER A 281 -1.09 1.77 -2.93
C SER A 281 -1.74 2.19 -1.61
N PHE A 282 -1.58 1.38 -0.56
CA PHE A 282 -2.26 1.61 0.73
C PHE A 282 -3.78 1.75 0.62
N THR A 283 -4.34 0.93 -0.25
CA THR A 283 -5.78 0.75 -0.25
C THR A 283 -6.03 -0.69 0.15
N ASN A 284 -7.21 -0.97 0.68
CA ASN A 284 -7.67 -2.34 0.67
C ASN A 284 -8.96 -2.39 -0.12
N GLN A 285 -8.91 -3.12 -1.22
CA GLN A 285 -10.01 -3.17 -2.18
C GLN A 285 -10.90 -4.39 -1.97
N PRO A 286 -12.22 -4.27 -2.26
CA PRO A 286 -13.16 -5.40 -2.17
C PRO A 286 -12.88 -6.44 -3.24
N SER A 287 -12.22 -5.99 -4.31
CA SER A 287 -11.94 -6.83 -5.44
C SER A 287 -10.68 -6.34 -6.15
N TYR A 288 -10.00 -7.26 -6.82
CA TYR A 288 -8.78 -6.96 -7.54
C TYR A 288 -8.85 -7.36 -9.01
N SER A 289 -10.05 -7.37 -9.58
CA SER A 289 -10.19 -7.45 -11.03
C SER A 289 -9.65 -6.14 -11.62
N LEU A 290 -9.07 -6.22 -12.81
CA LEU A 290 -8.55 -5.02 -13.47
C LEU A 290 -9.65 -4.00 -13.75
N ASP A 291 -10.84 -4.47 -14.11
CA ASP A 291 -12.01 -3.60 -14.31
C ASP A 291 -12.31 -2.77 -13.07
N TYR A 292 -12.38 -3.44 -11.92
CA TYR A 292 -12.65 -2.78 -10.66
C TYR A 292 -11.58 -1.72 -10.32
N ILE A 293 -10.32 -2.08 -10.54
CA ILE A 293 -9.24 -1.22 -10.12
C ILE A 293 -9.09 -0.03 -11.09
N SER A 294 -9.17 -0.31 -12.39
CA SER A 294 -9.17 0.74 -13.41
C SER A 294 -10.27 1.76 -13.15
N GLU A 295 -11.46 1.28 -12.80
CA GLU A 295 -12.58 2.15 -12.50
C GLU A 295 -12.30 2.99 -11.26
N PHE A 296 -11.76 2.37 -10.22
CA PHE A 296 -11.39 3.07 -9.00
C PHE A 296 -10.31 4.12 -9.25
N GLU A 297 -9.29 3.77 -10.02
CA GLU A 297 -8.11 4.62 -10.18
C GLU A 297 -8.32 5.69 -11.25
N LEU A 298 -9.06 5.36 -12.30
CA LEU A 298 -9.09 6.18 -13.51
C LEU A 298 -10.49 6.69 -13.86
N ASN A 299 -11.51 6.19 -13.16
CA ASN A 299 -12.89 6.53 -13.48
C ASN A 299 -13.28 6.21 -14.93
N VAL A 300 -12.74 5.13 -15.46
CA VAL A 300 -13.21 4.61 -16.74
C VAL A 300 -14.27 3.54 -16.46
N GLY A 301 -15.15 3.30 -17.43
CA GLY A 301 -16.23 2.34 -17.25
C GLY A 301 -15.75 0.92 -17.50
N LYS A 302 -16.51 -0.05 -16.99
CA LYS A 302 -16.26 -1.47 -17.22
C LYS A 302 -16.22 -1.75 -18.73
N LEU A 303 -15.27 -2.58 -19.16
CA LEU A 303 -15.25 -3.05 -20.54
C LEU A 303 -16.37 -4.07 -20.71
N LYS A 304 -17.54 -3.59 -21.12
CA LYS A 304 -18.71 -4.48 -21.19
C LYS A 304 -18.75 -5.36 -22.44
N TYR A 305 -19.32 -6.55 -22.28
CA TYR A 305 -19.59 -7.46 -23.40
C TYR A 305 -20.76 -8.38 -23.07
N ASP A 306 -21.42 -8.89 -24.11
CA ASP A 306 -22.55 -9.78 -23.96
C ASP A 306 -22.11 -11.24 -23.94
N GLY A 307 -22.70 -12.03 -23.04
CA GLY A 307 -22.39 -13.45 -22.93
C GLY A 307 -21.13 -13.72 -22.10
N PRO A 308 -20.81 -15.01 -21.89
CA PRO A 308 -19.63 -15.44 -21.13
C PRO A 308 -18.31 -15.21 -21.88
N ILE A 309 -17.21 -15.03 -21.15
CA ILE A 309 -15.89 -14.85 -21.77
C ILE A 309 -15.43 -16.10 -22.54
N SER A 310 -15.97 -17.26 -22.20
CA SER A 310 -15.68 -18.51 -22.92
C SER A 310 -16.24 -18.47 -24.35
N LYS A 311 -17.20 -17.59 -24.59
CA LYS A 311 -17.84 -17.53 -25.90
C LYS A 311 -17.61 -16.21 -26.64
N LEU A 312 -16.80 -15.32 -26.06
CA LEU A 312 -16.61 -13.98 -26.62
C LEU A 312 -15.80 -13.95 -27.91
N ARG A 313 -14.74 -14.76 -27.99
CA ARG A 313 -13.92 -14.87 -29.19
C ARG A 313 -14.74 -15.31 -30.42
N GLU A 314 -15.53 -16.37 -30.27
CA GLU A 314 -16.37 -16.87 -31.38
C GLU A 314 -17.49 -15.92 -31.78
N SER A 315 -18.15 -15.30 -30.79
CA SER A 315 -19.28 -14.42 -31.11
C SER A 315 -18.87 -12.98 -31.44
N ASN A 316 -17.78 -12.52 -30.85
CA ASN A 316 -17.28 -11.16 -31.09
C ASN A 316 -15.76 -11.05 -30.95
N HIS A 317 -15.06 -11.73 -31.84
CA HIS A 317 -13.60 -11.71 -31.89
C HIS A 317 -13.05 -10.30 -31.98
N GLN A 318 -13.79 -9.44 -32.69
CA GLN A 318 -13.45 -8.02 -32.81
C GLN A 318 -13.28 -7.39 -31.41
N ARG A 319 -14.25 -7.62 -30.54
CA ARG A 319 -14.25 -7.00 -29.22
C ARG A 319 -13.24 -7.69 -28.34
N TYR A 320 -13.17 -9.01 -28.48
CA TYR A 320 -12.20 -9.84 -27.79
C TYR A 320 -10.78 -9.28 -27.87
N ILE A 321 -10.33 -8.93 -29.07
CA ILE A 321 -8.94 -8.47 -29.28
C ILE A 321 -8.74 -7.06 -28.74
N SER A 322 -9.66 -6.16 -29.09
CA SER A 322 -9.69 -4.80 -28.56
C SER A 322 -9.60 -4.79 -27.04
N TYR A 323 -10.36 -5.66 -26.40
CA TYR A 323 -10.40 -5.70 -24.94
C TYR A 323 -9.09 -6.24 -24.36
N ASN A 324 -8.47 -7.20 -25.06
CA ASN A 324 -7.11 -7.65 -24.73
C ASN A 324 -6.15 -6.47 -24.79
N ILE A 325 -6.30 -5.63 -25.81
CA ILE A 325 -5.40 -4.49 -25.98
C ILE A 325 -5.59 -3.43 -24.90
N ILE A 326 -6.85 -3.09 -24.63
CA ILE A 326 -7.21 -2.07 -23.66
C ILE A 326 -6.74 -2.46 -22.25
N ALA A 327 -6.93 -3.72 -21.87
CA ALA A 327 -6.53 -4.23 -20.56
C ALA A 327 -5.04 -4.02 -20.32
N VAL A 328 -4.23 -4.19 -21.36
CA VAL A 328 -2.80 -3.91 -21.27
C VAL A 328 -2.58 -2.40 -21.07
N TYR A 329 -3.23 -1.58 -21.90
CA TYR A 329 -3.12 -0.14 -21.76
C TYR A 329 -3.59 0.37 -20.37
N ARG A 330 -4.60 -0.25 -19.81
CA ARG A 330 -5.10 0.17 -18.49
C ARG A 330 -4.03 0.05 -17.40
N VAL A 331 -3.18 -0.95 -17.46
CA VAL A 331 -2.09 -1.05 -16.47
C VAL A 331 -1.10 0.13 -16.61
N LEU A 332 -0.82 0.47 -17.86
CA LEU A 332 0.04 1.62 -18.17
C LEU A 332 -0.58 2.90 -17.62
N GLN A 333 -1.88 3.08 -17.81
CA GLN A 333 -2.59 4.24 -17.28
C GLN A 333 -2.57 4.30 -15.76
N ILE A 334 -2.77 3.15 -15.09
CA ILE A 334 -2.70 3.13 -13.63
C ILE A 334 -1.28 3.50 -13.20
N ASP A 335 -0.28 2.95 -13.87
CA ASP A 335 1.11 3.30 -13.55
C ASP A 335 1.51 4.74 -13.86
N ALA A 336 0.97 5.31 -14.94
CA ALA A 336 1.22 6.72 -15.26
C ALA A 336 0.80 7.58 -14.06
N LYS A 337 -0.33 7.20 -13.43
CA LYS A 337 -0.83 7.88 -12.23
C LYS A 337 -0.03 7.58 -10.97
N ARG A 338 0.09 6.29 -10.65
CA ARG A 338 0.62 5.84 -9.36
C ARG A 338 2.14 5.81 -9.31
N GLN A 339 2.78 5.52 -10.45
CA GLN A 339 4.24 5.52 -10.60
C GLN A 339 4.97 4.50 -9.68
N PHE A 340 4.45 3.27 -9.67
CA PHE A 340 5.04 2.20 -8.88
C PHE A 340 6.25 1.56 -9.54
N ILE A 341 6.31 1.59 -10.88
CA ILE A 341 7.50 1.09 -11.59
C ILE A 341 8.69 2.03 -11.31
N ASN A 342 8.45 3.32 -11.45
CA ASN A 342 9.44 4.34 -11.08
C ASN A 342 9.96 4.16 -9.63
N LEU A 343 9.04 4.03 -8.67
CA LEU A 343 9.40 3.79 -7.26
C LEU A 343 10.25 2.53 -7.09
N SER A 344 9.85 1.45 -7.73
CA SER A 344 10.57 0.18 -7.61
C SER A 344 11.98 0.34 -8.13
N LEU A 345 12.11 1.03 -9.28
CA LEU A 345 13.43 1.27 -9.86
C LEU A 345 14.30 2.16 -8.94
N ASP A 346 13.73 3.23 -8.39
CA ASP A 346 14.45 4.12 -7.48
C ASP A 346 14.98 3.34 -6.29
N MET A 347 14.08 2.57 -5.67
CA MET A 347 14.39 1.87 -4.44
C MET A 347 15.43 0.79 -4.72
N GLY A 348 15.26 0.09 -5.83
CA GLY A 348 16.11 -1.04 -6.18
C GLY A 348 17.54 -0.64 -6.44
N TYR A 349 17.73 0.42 -7.22
CA TYR A 349 19.07 0.91 -7.51
C TYR A 349 19.70 1.59 -6.30
N TYR A 350 18.87 2.27 -5.50
CA TYR A 350 19.33 2.89 -4.28
C TYR A 350 19.92 1.84 -3.33
N ALA A 351 19.25 0.69 -3.21
CA ALA A 351 19.72 -0.40 -2.34
C ALA A 351 20.81 -1.29 -2.95
N LYS A 352 20.94 -1.29 -4.27
CA LYS A 352 21.77 -2.28 -5.01
C LYS A 352 21.26 -3.72 -4.86
N ILE A 353 19.99 -3.90 -5.20
CA ILE A 353 19.34 -5.20 -5.13
C ILE A 353 18.75 -5.59 -6.48
N GLN A 354 18.30 -6.83 -6.59
CA GLN A 354 17.47 -7.22 -7.71
C GLN A 354 16.22 -6.39 -7.57
N ILE A 355 15.72 -5.88 -8.68
CA ILE A 355 14.58 -4.98 -8.63
C ILE A 355 13.36 -5.62 -7.93
N GLN A 356 13.10 -6.92 -8.18
CA GLN A 356 11.99 -7.63 -7.53
C GLN A 356 12.12 -7.72 -6.01
N SER A 357 13.31 -7.42 -5.49
CA SER A 357 13.53 -7.50 -4.05
C SER A 357 12.96 -6.30 -3.30
N VAL A 358 12.36 -5.35 -4.03
CA VAL A 358 11.69 -4.21 -3.36
C VAL A 358 10.46 -4.67 -2.58
N PHE A 359 9.99 -5.88 -2.84
CA PHE A 359 8.88 -6.44 -2.09
C PHE A 359 9.31 -6.84 -0.68
N SER A 360 10.62 -6.88 -0.45
CA SER A 360 11.15 -7.31 0.83
C SER A 360 11.94 -6.20 1.53
N PRO A 361 11.32 -5.53 2.53
CA PRO A 361 12.07 -4.53 3.30
C PRO A 361 13.35 -5.09 3.96
N ILE A 362 13.31 -6.37 4.33
CA ILE A 362 14.48 -7.01 4.96
C ILE A 362 15.65 -7.14 4.01
N LYS A 363 15.38 -7.64 2.80
CA LYS A 363 16.42 -7.75 1.79
C LYS A 363 16.94 -6.36 1.39
N THR A 364 16.03 -5.39 1.29
CA THR A 364 16.35 -4.01 0.91
C THR A 364 17.29 -3.38 1.94
N TRP A 365 16.98 -3.53 3.23
CA TRP A 365 17.78 -2.96 4.31
C TRP A 365 19.09 -3.69 4.52
N ASP A 366 19.07 -5.00 4.36
CA ASP A 366 20.29 -5.78 4.39
C ASP A 366 21.30 -5.24 3.39
N ALA A 367 20.84 -5.02 2.15
CA ALA A 367 21.73 -4.51 1.10
C ALA A 367 22.22 -3.09 1.40
N ILE A 368 21.32 -2.22 1.85
CA ILE A 368 21.68 -0.83 2.13
C ILE A 368 22.75 -0.78 3.22
N ILE A 369 22.49 -1.50 4.32
CA ILE A 369 23.38 -1.50 5.48
C ILE A 369 24.73 -2.16 5.13
N PHE A 370 24.69 -3.25 4.36
CA PHE A 370 25.92 -3.90 3.88
C PHE A 370 26.77 -2.93 3.06
N ASN A 371 26.17 -2.27 2.08
CA ASN A 371 26.91 -1.33 1.25
C ASN A 371 27.54 -0.19 2.05
N SER A 372 26.78 0.35 3.00
CA SER A 372 27.24 1.39 3.90
C SER A 372 28.45 0.91 4.74
N LEU A 373 28.32 -0.25 5.36
CA LEU A 373 29.39 -0.79 6.20
C LEU A 373 30.63 -1.16 5.39
N LYS A 374 30.41 -1.70 4.19
CA LYS A 374 31.48 -2.05 3.27
C LYS A 374 32.39 -0.85 2.95
N GLU A 375 31.78 0.29 2.58
CA GLU A 375 32.52 1.51 2.27
C GLU A 375 33.55 1.93 3.33
N GLN A 376 33.24 1.61 4.59
CA GLN A 376 34.13 1.89 5.70
C GLN A 376 34.98 0.68 6.03
N ASN A 377 35.05 -0.29 5.12
CA ASN A 377 35.84 -1.51 5.32
C ASN A 377 35.42 -2.36 6.52
N LYS A 378 34.16 -2.22 6.90
CA LYS A 378 33.58 -3.00 8.00
C LYS A 378 32.94 -4.27 7.46
N VAL A 379 32.83 -5.26 8.33
CA VAL A 379 32.40 -6.61 7.95
C VAL A 379 31.12 -6.95 8.69
N ILE A 380 30.09 -7.34 7.93
CA ILE A 380 28.74 -7.59 8.46
C ILE A 380 28.66 -8.93 9.20
N PRO A 381 27.83 -9.00 10.26
CA PRO A 381 27.69 -10.23 11.03
C PRO A 381 26.97 -11.34 10.24
N GLN A 382 27.27 -12.58 10.58
CA GLN A 382 26.52 -13.72 10.06
C GLN A 382 25.07 -13.67 10.53
N GLY A 383 24.15 -14.08 9.66
CA GLY A 383 22.75 -14.29 10.06
C GLY A 383 22.71 -15.43 11.06
N ARG A 384 21.88 -15.28 12.10
CA ARG A 384 21.77 -16.29 13.16
C ARG A 384 20.32 -16.74 13.27
N SER A 385 20.10 -17.90 13.86
CA SER A 385 18.75 -18.39 14.10
C SER A 385 18.20 -17.80 15.40
N HIS A 386 16.90 -17.48 15.43
CA HIS A 386 16.27 -16.99 16.66
C HIS A 386 14.84 -17.50 16.76
N PRO A 387 14.44 -17.93 17.97
CA PRO A 387 13.03 -18.29 18.13
C PRO A 387 12.14 -17.04 18.06
N VAL A 388 10.93 -17.20 17.57
CA VAL A 388 9.97 -16.09 17.54
C VAL A 388 9.51 -15.74 18.95
N GLN A 389 9.72 -14.48 19.35
CA GLN A 389 9.29 -13.98 20.65
C GLN A 389 8.42 -12.72 20.55
N PRO A 390 7.26 -12.71 21.26
CA PRO A 390 6.44 -11.50 21.28
C PRO A 390 7.14 -10.39 22.07
N TYR A 391 6.84 -9.14 21.74
CA TYR A 391 7.43 -8.02 22.48
C TYR A 391 6.48 -6.84 22.45
N PRO A 392 6.59 -5.92 23.43
CA PRO A 392 5.59 -4.86 23.53
C PRO A 392 5.73 -3.77 22.48
N GLY A 393 4.60 -3.16 22.11
CA GLY A 393 4.55 -2.14 21.08
C GLY A 393 4.11 -0.84 21.69
N ALA A 394 3.13 -0.21 21.05
CA ALA A 394 2.71 1.15 21.39
C ALA A 394 1.66 1.25 22.49
N PHE A 395 1.51 2.46 23.01
CA PHE A 395 0.46 2.80 23.93
C PHE A 395 -0.68 3.49 23.20
N VAL A 396 -1.89 3.06 23.52
CA VAL A 396 -3.12 3.64 23.03
C VAL A 396 -4.01 3.94 24.23
N LYS A 397 -4.36 5.22 24.36
CA LYS A 397 -5.19 5.72 25.47
C LYS A 397 -6.63 5.25 25.28
N GLU A 398 -7.31 4.93 26.37
CA GLU A 398 -8.72 4.54 26.33
C GLU A 398 -9.55 5.80 26.36
N PRO A 399 -10.29 6.10 25.28
CA PRO A 399 -11.03 7.35 25.30
C PRO A 399 -12.40 7.20 25.94
N ILE A 400 -12.92 8.26 26.54
CA ILE A 400 -14.29 8.23 27.01
C ILE A 400 -15.21 8.34 25.77
N PRO A 401 -16.04 7.31 25.53
CA PRO A 401 -16.92 7.41 24.35
C PRO A 401 -17.79 8.64 24.50
N ASN A 402 -17.85 9.47 23.47
CA ASN A 402 -18.59 10.72 23.56
C ASN A 402 -18.54 11.48 22.25
N ARG A 403 -19.32 12.56 22.19
CA ARG A 403 -19.18 13.56 21.16
C ARG A 403 -18.08 14.49 21.64
N TYR A 404 -17.29 15.01 20.71
CA TYR A 404 -16.25 15.96 21.06
C TYR A 404 -16.32 17.11 20.06
N LYS A 405 -16.82 18.26 20.53
CA LYS A 405 -17.13 19.40 19.68
C LYS A 405 -15.94 20.02 18.95
N TYR A 406 -14.97 20.56 19.70
CA TYR A 406 -13.78 21.14 19.09
C TYR A 406 -12.56 20.30 19.40
N VAL A 407 -11.83 19.86 18.36
CA VAL A 407 -10.66 19.02 18.58
C VAL A 407 -9.44 19.50 17.78
N MET A 408 -8.28 19.47 18.43
CA MET A 408 -7.00 19.69 17.77
C MET A 408 -6.09 18.48 17.99
N SER A 409 -5.49 18.00 16.92
CA SER A 409 -4.63 16.82 17.01
C SER A 409 -3.18 17.13 16.63
N PHE A 410 -2.27 16.41 17.27
CA PHE A 410 -0.83 16.54 17.04
C PHE A 410 -0.23 15.15 16.98
N ASP A 411 0.76 14.97 16.11
CA ASP A 411 1.57 13.77 16.22
C ASP A 411 3.02 13.95 15.78
N LEU A 412 3.85 12.98 16.17
CA LEU A 412 5.26 12.99 15.86
C LEU A 412 5.51 12.80 14.37
N THR A 413 6.39 13.60 13.82
CA THR A 413 6.89 13.39 12.47
C THR A 413 7.74 12.13 12.46
N SER A 414 7.38 11.18 11.59
CA SER A 414 8.12 9.93 11.44
C SER A 414 8.62 9.39 12.79
N ALA A 415 7.67 9.02 13.64
CA ALA A 415 7.94 8.71 15.06
C ALA A 415 9.08 7.71 15.33
N TYR A 416 8.95 6.47 14.84
CA TYR A 416 9.95 5.46 15.18
C TYR A 416 11.34 5.74 14.60
N PRO A 417 11.42 6.13 13.30
CA PRO A 417 12.73 6.51 12.81
C PRO A 417 13.34 7.68 13.58
N SER A 418 12.51 8.66 13.97
CA SER A 418 12.98 9.79 14.76
C SER A 418 13.50 9.34 16.11
N ILE A 419 12.84 8.33 16.70
CA ILE A 419 13.29 7.76 17.98
C ILE A 419 14.65 7.07 17.83
N ILE A 420 14.78 6.29 16.75
CA ILE A 420 16.05 5.67 16.37
C ILE A 420 17.19 6.69 16.30
N ARG A 421 16.91 7.83 15.68
CA ARG A 421 17.96 8.83 15.44
C ARG A 421 18.27 9.58 16.74
N GLN A 422 17.22 9.93 17.48
CA GLN A 422 17.36 10.65 18.74
C GLN A 422 18.18 9.87 19.76
N VAL A 423 17.84 8.58 19.93
CA VAL A 423 18.47 7.73 20.95
C VAL A 423 19.79 7.15 20.45
N ASN A 424 19.96 7.08 19.12
CA ASN A 424 21.13 6.49 18.45
C ASN A 424 21.12 4.96 18.51
N ILE A 425 19.94 4.38 18.25
CA ILE A 425 19.74 2.91 18.28
C ILE A 425 20.28 2.21 17.01
N SER A 426 21.26 1.33 17.21
CA SER A 426 21.91 0.58 16.12
C SER A 426 22.53 -0.64 16.78
N PRO A 427 22.79 -1.73 16.02
CA PRO A 427 23.47 -2.87 16.62
C PRO A 427 24.82 -2.53 17.27
N GLU A 428 25.59 -1.64 16.66
CA GLU A 428 26.97 -1.35 17.07
C GLU A 428 27.13 -0.17 18.02
N THR A 429 26.02 0.48 18.38
CA THR A 429 26.09 1.64 19.30
C THR A 429 25.66 1.32 20.74
N ILE A 430 25.34 0.05 21.02
CA ILE A 430 24.92 -0.34 22.36
C ILE A 430 26.09 -0.16 23.35
N ALA A 431 25.88 0.63 24.40
CA ALA A 431 26.93 0.87 25.42
C ALA A 431 26.77 0.05 26.70
N GLY A 432 25.53 -0.29 27.04
CA GLY A 432 25.26 -1.09 28.24
C GLY A 432 23.82 -1.00 28.64
N THR A 433 23.53 -1.30 29.91
CA THR A 433 22.17 -1.22 30.44
C THR A 433 22.13 -0.40 31.74
N PHE A 434 20.93 -0.02 32.17
CA PHE A 434 20.72 0.54 33.51
C PHE A 434 19.51 -0.15 34.14
N LYS A 435 19.38 -0.04 35.45
CA LYS A 435 18.24 -0.61 36.17
C LYS A 435 16.95 0.18 35.92
N VAL A 436 15.96 -0.49 35.33
CA VAL A 436 14.71 0.19 34.97
C VAL A 436 13.79 0.45 36.16
N ALA A 437 13.18 1.62 36.16
CA ALA A 437 12.10 1.95 37.05
C ALA A 437 10.82 1.61 36.28
N PRO A 438 9.66 1.57 36.98
CA PRO A 438 8.39 1.46 36.26
C PRO A 438 8.23 2.60 35.24
N LEU A 439 7.65 2.28 34.08
CA LEU A 439 7.49 3.27 33.01
C LEU A 439 6.84 4.58 33.47
N HIS A 440 5.83 4.47 34.33
CA HIS A 440 5.10 5.66 34.76
CA HIS A 440 5.10 5.66 34.77
C HIS A 440 5.97 6.60 35.60
N ASP A 441 7.06 6.06 36.14
CA ASP A 441 8.04 6.85 36.91
C ASP A 441 8.85 7.74 35.98
N TYR A 442 9.10 7.27 34.76
CA TYR A 442 9.74 8.08 33.74
C TYR A 442 8.75 9.12 33.21
N ILE A 443 7.53 8.66 32.92
CA ILE A 443 6.44 9.52 32.42
C ILE A 443 6.23 10.74 33.32
N ASN A 444 6.28 10.52 34.65
CA ASN A 444 6.07 11.59 35.63
C ASN A 444 7.36 12.20 36.20
N ALA A 445 8.49 11.95 35.53
CA ALA A 445 9.79 12.53 35.92
C ALA A 445 10.19 12.31 37.39
N VAL A 446 9.79 11.19 37.99
CA VAL A 446 10.21 10.89 39.36
C VAL A 446 11.37 9.89 39.44
N ALA A 447 11.53 9.06 38.42
CA ALA A 447 12.63 8.09 38.38
C ALA A 447 13.98 8.76 38.26
N GLU A 448 15.01 8.11 38.78
CA GLU A 448 16.38 8.57 38.66
C GLU A 448 16.74 8.70 37.19
N ARG A 449 17.49 9.75 36.86
CA ARG A 449 18.03 9.91 35.51
C ARG A 449 18.89 8.68 35.18
N PRO A 450 18.56 7.96 34.08
CA PRO A 450 19.23 6.70 33.73
C PRO A 450 20.74 6.81 33.61
N SER A 451 21.24 7.84 32.92
CA SER A 451 22.67 8.02 32.70
C SER A 451 23.01 9.48 32.40
N ASP A 452 24.19 9.92 32.84
CA ASP A 452 24.65 11.25 32.47
C ASP A 452 25.81 11.17 31.46
N VAL A 453 26.05 9.96 30.97
CA VAL A 453 27.09 9.71 29.98
C VAL A 453 26.49 9.25 28.65
N TYR A 454 25.55 8.30 28.71
CA TYR A 454 25.01 7.63 27.51
C TYR A 454 23.58 8.05 27.21
N SER A 455 23.17 7.82 25.97
CA SER A 455 21.82 8.09 25.50
C SER A 455 20.90 6.90 25.77
N CYS A 456 19.74 7.16 26.36
CA CYS A 456 18.93 6.10 26.95
C CYS A 456 17.49 5.92 26.45
N SER A 457 17.01 4.69 26.55
CA SER A 457 15.60 4.39 26.38
C SER A 457 15.09 3.81 27.71
N PRO A 458 13.82 4.10 28.08
CA PRO A 458 13.27 3.60 29.34
C PRO A 458 13.03 2.09 29.34
N ASN A 459 13.45 1.40 28.29
CA ASN A 459 13.50 -0.08 28.32
C ASN A 459 14.75 -0.62 29.04
N GLY A 460 15.69 0.27 29.39
CA GLY A 460 16.88 -0.14 30.13
C GLY A 460 18.14 -0.13 29.30
N MET A 461 18.04 0.32 28.05
CA MET A 461 19.17 0.30 27.13
C MET A 461 19.93 1.64 27.05
N MET A 462 21.26 1.54 26.92
CA MET A 462 22.14 2.69 26.74
C MET A 462 22.94 2.59 25.45
N TYR A 463 23.13 3.73 24.81
CA TYR A 463 23.78 3.84 23.50
C TYR A 463 24.83 4.95 23.54
N TYR A 464 25.90 4.78 22.76
CA TYR A 464 26.92 5.83 22.64
C TYR A 464 26.32 7.08 22.00
N LYS A 465 26.81 8.25 22.41
CA LYS A 465 26.32 9.54 21.92
C LYS A 465 27.26 10.14 20.88
N ASP A 466 28.54 9.81 20.98
CA ASP A 466 29.58 10.51 20.22
C ASP A 466 30.04 9.78 18.96
N ARG A 467 29.22 8.86 18.46
CA ARG A 467 29.54 8.10 17.26
C ARG A 467 28.28 7.74 16.51
N ASP A 468 28.41 7.59 15.20
CA ASP A 468 27.27 7.29 14.35
C ASP A 468 27.00 5.80 14.31
N GLY A 469 25.71 5.46 14.34
CA GLY A 469 25.28 4.10 14.06
C GLY A 469 24.87 4.02 12.60
N VAL A 470 25.20 2.92 11.96
CA VAL A 470 24.79 2.67 10.58
C VAL A 470 23.27 2.74 10.40
N VAL A 471 22.51 2.24 11.38
CA VAL A 471 21.05 2.26 11.32
C VAL A 471 20.55 3.72 11.32
N PRO A 472 20.91 4.51 12.35
CA PRO A 472 20.59 5.94 12.33
C PRO A 472 21.06 6.67 11.06
N THR A 473 22.29 6.38 10.63
CA THR A 473 22.86 7.01 9.44
C THR A 473 22.01 6.73 8.20
N GLU A 474 21.65 5.47 7.99
CA GLU A 474 20.99 5.08 6.75
C GLU A 474 19.49 5.37 6.76
N ILE A 475 18.89 5.25 7.94
CA ILE A 475 17.50 5.64 8.11
C ILE A 475 17.32 7.15 7.88
N THR A 476 18.32 7.95 8.25
CA THR A 476 18.26 9.42 8.05
C THR A 476 18.20 9.80 6.56
N LYS A 477 19.08 9.19 5.75
CA LYS A 477 19.11 9.41 4.28
C LYS A 477 17.73 9.18 3.68
N VAL A 478 17.12 8.02 3.95
CA VAL A 478 15.79 7.72 3.43
C VAL A 478 14.73 8.67 4.01
N PHE A 479 14.82 8.94 5.32
CA PHE A 479 13.91 9.92 5.91
C PHE A 479 13.95 11.28 5.18
N ASN A 480 15.15 11.77 4.88
CA ASN A 480 15.29 13.05 4.19
C ASN A 480 14.64 13.08 2.80
N GLN A 481 14.72 11.95 2.08
CA GLN A 481 14.06 11.85 0.76
C GLN A 481 12.56 11.86 0.96
N ARG A 482 12.10 11.12 1.98
CA ARG A 482 10.69 11.11 2.32
C ARG A 482 10.13 12.51 2.54
N LYS A 483 10.86 13.30 3.32
CA LYS A 483 10.47 14.66 3.70
C LYS A 483 10.37 15.57 2.48
N GLU A 484 11.35 15.47 1.58
CA GLU A 484 11.34 16.22 0.33
C GLU A 484 10.04 15.98 -0.46
N HIS A 485 9.72 14.71 -0.70
CA HIS A 485 8.53 14.33 -1.46
C HIS A 485 7.23 14.70 -0.76
N LYS A 486 7.15 14.52 0.55
CA LYS A 486 5.94 14.90 1.28
C LYS A 486 5.70 16.41 1.13
N GLY A 487 6.77 17.21 1.23
CA GLY A 487 6.71 18.63 0.91
C GLY A 487 6.09 18.90 -0.45
N TYR A 488 6.56 18.19 -1.50
CA TYR A 488 5.96 18.32 -2.84
C TYR A 488 4.48 17.95 -2.83
N MET A 489 4.15 16.86 -2.13
CA MET A 489 2.76 16.40 -2.01
C MET A 489 1.82 17.43 -1.37
N LEU A 490 2.24 17.97 -0.23
CA LEU A 490 1.43 18.94 0.50
C LEU A 490 1.27 20.24 -0.28
N ALA A 491 2.35 20.70 -0.94
CA ALA A 491 2.25 21.88 -1.79
C ALA A 491 1.18 21.67 -2.88
N ALA A 492 1.19 20.50 -3.51
CA ALA A 492 0.19 20.18 -4.55
C ALA A 492 -1.23 20.13 -3.98
N GLN A 493 -1.35 19.66 -2.73
CA GLN A 493 -2.61 19.62 -2.05
C GLN A 493 -3.14 21.04 -1.82
N ARG A 494 -2.28 21.92 -1.32
CA ARG A 494 -2.66 23.31 -1.05
C ARG A 494 -3.00 24.01 -2.36
N ASN A 495 -2.24 23.69 -3.41
CA ASN A 495 -2.47 24.23 -4.73
C ASN A 495 -3.83 23.82 -5.26
N GLY A 496 -4.18 22.54 -5.07
CA GLY A 496 -5.51 22.04 -5.42
C GLY A 496 -6.67 22.81 -4.79
N GLU A 497 -6.57 23.08 -3.48
CA GLU A 497 -7.59 23.87 -2.77
C GLU A 497 -7.72 25.29 -3.30
N ILE A 498 -6.61 25.91 -3.68
CA ILE A 498 -6.66 27.23 -4.31
C ILE A 498 -7.50 27.16 -5.59
N ILE A 499 -7.36 26.04 -6.32
CA ILE A 499 -8.07 25.86 -7.57
C ILE A 499 -9.56 25.60 -7.35
N LYS A 500 -9.88 24.79 -6.34
CA LYS A 500 -11.27 24.51 -5.94
C LYS A 500 -11.99 25.79 -5.52
N GLU A 501 -11.28 26.66 -4.79
CA GLU A 501 -11.81 27.96 -4.40
C GLU A 501 -12.15 28.82 -5.61
N ALA A 502 -11.28 28.82 -6.62
CA ALA A 502 -11.49 29.61 -7.84
C ALA A 502 -12.62 29.05 -8.71
N LEU A 503 -12.92 27.77 -8.53
CA LEU A 503 -13.97 27.09 -9.27
C LEU A 503 -15.37 27.54 -8.86
N HIS A 504 -15.47 28.22 -7.72
CA HIS A 504 -16.74 28.82 -7.27
C HIS A 504 -17.16 29.97 -8.18
N ASN A 505 -16.20 30.57 -8.87
CA ASN A 505 -16.45 31.72 -9.73
C ASN A 505 -15.68 31.64 -11.05
N PRO A 506 -16.02 30.66 -11.92
CA PRO A 506 -15.25 30.53 -13.16
C PRO A 506 -15.52 31.66 -14.13
N ASN A 507 -14.53 31.98 -14.95
CA ASN A 507 -14.68 33.04 -15.96
C ASN A 507 -15.15 32.50 -17.29
N LEU A 508 -15.95 33.32 -17.99
CA LEU A 508 -16.44 32.96 -19.31
C LEU A 508 -15.39 33.34 -20.35
N SER A 509 -14.47 32.41 -20.60
CA SER A 509 -13.33 32.64 -21.47
C SER A 509 -12.87 31.34 -22.12
N VAL A 510 -12.20 31.47 -23.26
CA VAL A 510 -11.43 30.39 -23.84
C VAL A 510 -9.98 30.77 -23.55
N ASP A 511 -9.33 29.94 -22.74
CA ASP A 511 -7.94 30.16 -22.34
C ASP A 511 -7.19 28.85 -22.14
N GLU A 512 -6.02 28.93 -21.53
CA GLU A 512 -5.17 27.76 -21.33
C GLU A 512 -4.89 27.52 -19.85
N PRO A 513 -4.65 26.25 -19.46
CA PRO A 513 -4.10 25.98 -18.14
C PRO A 513 -2.75 26.65 -18.00
N LEU A 514 -2.46 27.21 -16.83
CA LEU A 514 -1.19 27.87 -16.56
C LEU A 514 -0.08 26.83 -16.48
N ASP A 515 1.02 27.09 -17.17
CA ASP A 515 2.19 26.22 -17.06
C ASP A 515 2.94 26.50 -15.75
N VAL A 516 2.67 25.67 -14.75
CA VAL A 516 3.26 25.80 -13.41
C VAL A 516 3.79 24.47 -12.89
N ASP A 517 4.68 24.53 -11.90
CA ASP A 517 5.11 23.37 -11.13
C ASP A 517 4.23 23.30 -9.88
N TYR A 518 3.35 22.29 -9.84
CA TYR A 518 2.40 22.09 -8.75
C TYR A 518 3.03 21.61 -7.44
N ARG A 519 4.30 21.21 -7.52
CA ARG A 519 5.07 20.79 -6.37
C ARG A 519 5.47 21.96 -5.44
N PHE A 520 5.29 23.18 -5.91
CA PHE A 520 5.61 24.39 -5.15
C PHE A 520 4.38 25.28 -5.01
N ASP A 521 4.18 25.87 -3.83
CA ASP A 521 3.04 26.77 -3.57
C ASP A 521 2.97 27.88 -4.63
N PHE A 522 1.78 28.07 -5.19
CA PHE A 522 1.58 29.10 -6.19
C PHE A 522 2.02 30.46 -5.66
N SER A 523 2.64 31.26 -6.52
CA SER A 523 3.01 32.61 -6.16
C SER A 523 1.76 33.50 -6.24
N ASP A 524 1.86 34.72 -5.73
CA ASP A 524 0.78 35.69 -5.87
C ASP A 524 0.37 35.92 -7.33
N GLU A 525 1.36 36.01 -8.23
CA GLU A 525 1.06 36.24 -9.66
C GLU A 525 0.17 35.14 -10.21
N ILE A 526 0.54 33.88 -9.91
CA ILE A 526 -0.21 32.72 -10.38
C ILE A 526 -1.64 32.69 -9.81
N LYS A 527 -1.78 33.01 -8.53
CA LYS A 527 -3.11 33.09 -7.89
C LYS A 527 -4.03 34.13 -8.54
N GLU A 528 -3.47 35.28 -8.93
CA GLU A 528 -4.25 36.31 -9.59
C GLU A 528 -4.74 35.82 -10.96
N LYS A 529 -3.86 35.17 -11.70
CA LYS A 529 -4.18 34.61 -13.01
C LYS A 529 -5.26 33.55 -12.91
N ILE A 530 -5.16 32.72 -11.87
CA ILE A 530 -6.09 31.64 -11.62
C ILE A 530 -7.52 32.19 -11.43
N LYS A 531 -7.63 33.34 -10.76
CA LYS A 531 -8.92 33.98 -10.52
C LYS A 531 -9.58 34.53 -11.78
N LYS A 532 -8.82 34.60 -12.88
CA LYS A 532 -9.36 35.04 -14.18
C LYS A 532 -9.62 33.88 -15.14
N LEU A 533 -9.24 32.67 -14.75
CA LEU A 533 -9.36 31.49 -15.64
C LEU A 533 -10.77 30.93 -15.77
N SER A 534 -11.01 30.27 -16.90
CA SER A 534 -12.27 29.58 -17.18
C SER A 534 -12.39 28.31 -16.37
N ALA A 535 -13.60 27.75 -16.34
CA ALA A 535 -13.84 26.46 -15.71
C ALA A 535 -13.05 25.34 -16.38
N LYS A 536 -12.96 25.39 -17.71
CA LYS A 536 -12.21 24.40 -18.49
C LYS A 536 -10.74 24.35 -18.03
N SER A 537 -10.06 25.48 -18.11
CA SER A 537 -8.65 25.60 -17.68
C SER A 537 -8.44 25.25 -16.20
N LEU A 538 -9.37 25.67 -15.35
CA LEU A 538 -9.28 25.43 -13.91
C LEU A 538 -9.40 23.95 -13.60
N ASN A 539 -10.39 23.28 -14.18
CA ASN A 539 -10.59 21.87 -13.97
C ASN A 539 -9.40 21.03 -14.45
N GLU A 540 -8.83 21.42 -15.58
CA GLU A 540 -7.62 20.79 -16.10
C GLU A 540 -6.43 21.02 -15.14
N MET A 541 -6.31 22.24 -14.59
CA MET A 541 -5.26 22.52 -13.62
C MET A 541 -5.43 21.65 -12.38
N LEU A 542 -6.68 21.50 -11.93
CA LEU A 542 -7.02 20.66 -10.79
C LEU A 542 -6.62 19.20 -11.01
N PHE A 543 -6.86 18.69 -12.22
CA PHE A 543 -6.44 17.34 -12.58
C PHE A 543 -4.91 17.22 -12.44
N ARG A 544 -4.20 18.23 -12.92
CA ARG A 544 -2.73 18.20 -12.91
C ARG A 544 -2.19 18.28 -11.49
N ALA A 545 -2.81 19.11 -10.66
CA ALA A 545 -2.41 19.23 -9.25
C ALA A 545 -2.59 17.92 -8.50
N GLN A 546 -3.72 17.26 -8.75
CA GLN A 546 -4.03 15.99 -8.10
C GLN A 546 -3.12 14.86 -8.57
N ARG A 547 -2.78 14.87 -9.87
CA ARG A 547 -1.76 13.94 -10.38
C ARG A 547 -0.40 14.19 -9.74
N THR A 548 -0.04 15.45 -9.55
CA THR A 548 1.21 15.80 -8.87
C THR A 548 1.17 15.33 -7.41
N GLU A 549 0.00 15.46 -6.77
CA GLU A 549 -0.15 15.06 -5.37
C GLU A 549 -0.07 13.55 -5.20
N VAL A 550 -0.73 12.81 -6.09
CA VAL A 550 -0.61 11.33 -6.11
C VAL A 550 0.86 10.90 -6.27
N ALA A 551 1.59 11.54 -7.17
CA ALA A 551 2.98 11.20 -7.42
C ALA A 551 3.86 11.46 -6.18
N GLY A 552 3.63 12.58 -5.52
CA GLY A 552 4.30 12.90 -4.26
C GLY A 552 3.90 11.92 -3.15
N MET A 553 2.63 11.50 -3.17
CA MET A 553 2.11 10.52 -2.21
C MET A 553 2.83 9.16 -2.36
N THR A 554 2.84 8.62 -3.58
CA THR A 554 3.54 7.37 -3.84
C THR A 554 4.98 7.41 -3.31
N ALA A 555 5.67 8.48 -3.68
CA ALA A 555 7.07 8.68 -3.36
C ALA A 555 7.36 8.80 -1.85
N GLN A 556 6.49 9.54 -1.14
CA GLN A 556 6.71 9.79 0.28
C GLN A 556 6.20 8.65 1.17
N ILE A 557 5.00 8.13 0.90
CA ILE A 557 4.39 7.16 1.81
C ILE A 557 5.16 5.85 1.80
N ASN A 558 5.80 5.53 0.67
CA ASN A 558 6.49 4.23 0.58
C ASN A 558 7.91 4.28 1.14
N ARG A 559 8.50 5.47 1.18
CA ARG A 559 9.78 5.70 1.81
C ARG A 559 9.55 5.78 3.33
N LYS A 560 8.43 6.38 3.72
CA LYS A 560 7.90 6.25 5.09
C LYS A 560 7.73 4.77 5.49
N ALA A 561 7.00 3.99 4.69
CA ALA A 561 6.86 2.54 4.95
C ALA A 561 8.23 1.83 5.09
N LEU A 562 9.20 2.16 4.22
CA LEU A 562 10.52 1.54 4.27
C LEU A 562 11.29 1.84 5.55
N ILE A 563 11.28 3.10 5.98
CA ILE A 563 11.97 3.42 7.25
C ILE A 563 11.27 2.83 8.47
N ASN A 564 9.93 2.84 8.47
CA ASN A 564 9.16 2.19 9.53
C ASN A 564 9.39 0.67 9.52
N GLY A 565 9.56 0.14 8.31
CA GLY A 565 9.91 -1.28 8.11
C GLY A 565 11.25 -1.66 8.73
N LEU A 566 12.20 -0.72 8.76
CA LEU A 566 13.48 -0.95 9.44
C LEU A 566 13.28 -1.12 10.93
N ALA A 567 12.45 -0.27 11.53
CA ALA A 567 12.15 -0.37 12.96
C ALA A 567 11.41 -1.69 13.26
N GLY A 568 10.49 -2.09 12.39
CA GLY A 568 9.84 -3.40 12.51
C GLY A 568 10.75 -4.59 12.31
N ALA A 569 11.71 -4.45 11.39
CA ALA A 569 12.64 -5.55 11.04
C ALA A 569 13.58 -5.92 12.17
N LEU A 570 13.92 -4.94 13.04
CA LEU A 570 14.69 -5.20 14.25
C LEU A 570 14.00 -6.23 15.11
N GLY A 571 12.69 -6.43 14.89
CA GLY A 571 11.89 -7.44 15.60
C GLY A 571 11.48 -8.64 14.76
N ASN A 572 12.10 -8.80 13.59
CA ASN A 572 11.86 -9.98 12.73
C ASN A 572 13.08 -10.91 12.79
N VAL A 573 12.85 -12.18 13.07
CA VAL A 573 13.92 -13.14 13.39
C VAL A 573 14.85 -13.44 12.21
N TRP A 574 14.46 -13.06 11.00
CA TRP A 574 15.27 -13.29 9.81
C TRP A 574 16.19 -12.12 9.44
N PHE A 575 15.99 -10.98 10.10
CA PHE A 575 16.81 -9.79 9.85
C PHE A 575 18.18 -10.03 10.45
N ARG A 576 19.22 -9.77 9.65
CA ARG A 576 20.61 -9.87 10.11
C ARG A 576 20.82 -9.11 11.42
N TYR A 577 20.17 -7.96 11.58
CA TYR A 577 20.32 -7.13 12.77
C TYR A 577 19.15 -7.28 13.76
N TYR A 578 18.52 -8.45 13.78
CA TYR A 578 17.47 -8.73 14.78
C TYR A 578 17.99 -8.52 16.19
N ASP A 579 17.26 -7.73 16.98
CA ASP A 579 17.62 -7.50 18.38
C ASP A 579 16.44 -6.87 19.12
N LEU A 580 15.82 -7.67 19.99
CA LEU A 580 14.68 -7.24 20.78
C LEU A 580 15.02 -6.15 21.79
N ARG A 581 16.28 -6.02 22.14
CA ARG A 581 16.74 -4.87 22.93
C ARG A 581 16.60 -3.59 22.13
N ASN A 582 16.90 -3.65 20.83
CA ASN A 582 16.73 -2.47 20.00
C ASN A 582 15.28 -2.23 19.60
N ALA A 583 14.56 -3.31 19.27
CA ALA A 583 13.14 -3.19 18.91
C ALA A 583 12.35 -2.61 20.09
N THR A 584 12.57 -3.14 21.30
CA THR A 584 11.82 -2.64 22.45
C THR A 584 12.29 -1.26 22.97
N ALA A 585 13.56 -0.93 22.74
CA ALA A 585 14.07 0.41 23.02
C ALA A 585 13.25 1.49 22.29
N ILE A 586 12.92 1.21 21.02
CA ILE A 586 12.04 2.07 20.22
C ILE A 586 10.63 2.12 20.80
N THR A 587 9.98 0.98 20.95
CA THR A 587 8.57 0.97 21.34
C THR A 587 8.34 1.54 22.74
N THR A 588 9.24 1.21 23.66
CA THR A 588 9.13 1.68 25.02
C THR A 588 9.37 3.19 25.08
N PHE A 589 10.37 3.67 24.35
CA PHE A 589 10.59 5.12 24.25
C PHE A 589 9.32 5.83 23.73
N GLY A 590 8.68 5.22 22.73
CA GLY A 590 7.42 5.74 22.18
C GLY A 590 6.33 5.84 23.23
N GLN A 591 6.17 4.78 24.01
CA GLN A 591 5.16 4.77 25.06
C GLN A 591 5.39 5.91 26.06
N MET A 592 6.62 6.06 26.54
CA MET A 592 7.00 7.20 27.39
C MET A 592 6.72 8.55 26.71
N ALA A 593 7.22 8.73 25.49
CA ALA A 593 7.07 9.98 24.73
C ALA A 593 5.62 10.47 24.67
N LEU A 594 4.71 9.58 24.32
CA LEU A 594 3.28 9.88 24.22
C LEU A 594 2.69 10.32 25.56
N GLN A 595 2.94 9.51 26.59
CA GLN A 595 2.34 9.74 27.90
C GLN A 595 3.03 10.91 28.66
N TRP A 596 4.33 11.07 28.43
CA TRP A 596 5.04 12.27 28.87
C TRP A 596 4.39 13.52 28.29
N ILE A 597 4.18 13.54 26.98
CA ILE A 597 3.69 14.76 26.36
C ILE A 597 2.19 15.03 26.66
N GLU A 598 1.43 13.98 26.97
CA GLU A 598 0.05 14.14 27.45
C GLU A 598 0.07 14.98 28.71
N ARG A 599 0.81 14.51 29.72
CA ARG A 599 1.01 15.25 30.95
C ARG A 599 1.35 16.73 30.70
N LYS A 600 2.40 16.98 29.91
CA LYS A 600 2.85 18.34 29.62
C LYS A 600 1.78 19.22 28.98
N VAL A 601 1.05 18.67 28.02
CA VAL A 601 -0.03 19.41 27.35
C VAL A 601 -1.18 19.76 28.32
N ASN A 602 -1.63 18.79 29.12
CA ASN A 602 -2.64 19.04 30.15
C ASN A 602 -2.17 20.11 31.12
N GLU A 603 -0.90 20.04 31.52
CA GLU A 603 -0.31 21.04 32.44
C GLU A 603 -0.31 22.43 31.82
N TYR A 604 0.13 22.53 30.58
CA TYR A 604 0.22 23.82 29.90
C TYR A 604 -1.18 24.43 29.74
N LEU A 605 -2.14 23.62 29.29
CA LEU A 605 -3.45 24.12 28.96
C LEU A 605 -4.24 24.57 30.19
N ASN A 606 -4.10 23.84 31.30
CA ASN A 606 -4.60 24.30 32.59
C ASN A 606 -4.00 25.65 33.01
N GLU A 607 -2.68 25.77 32.87
CA GLU A 607 -2.01 27.01 33.23
C GLU A 607 -2.60 28.19 32.43
N VAL A 608 -2.54 28.13 31.10
CA VAL A 608 -3.00 29.25 30.26
C VAL A 608 -4.49 29.53 30.35
N CYS A 609 -5.29 28.51 30.66
CA CYS A 609 -6.72 28.68 30.85
C CYS A 609 -7.12 29.06 32.27
N GLY A 610 -6.11 29.24 33.13
CA GLY A 610 -6.33 29.64 34.53
C GLY A 610 -6.96 28.58 35.42
N THR A 611 -6.92 27.33 35.00
CA THR A 611 -7.55 26.23 35.75
C THR A 611 -6.56 25.19 36.27
N GLU A 612 -7.08 24.03 36.70
CA GLU A 612 -6.25 22.99 37.32
C GLU A 612 -6.95 21.64 37.28
N GLY A 613 -6.23 20.62 36.83
CA GLY A 613 -6.73 19.25 36.86
C GLY A 613 -7.74 18.86 35.80
N GLU A 614 -8.02 19.77 34.86
CA GLU A 614 -8.91 19.43 33.74
C GLU A 614 -8.15 18.59 32.72
N ALA A 615 -8.84 17.61 32.15
CA ALA A 615 -8.26 16.74 31.14
C ALA A 615 -8.51 17.32 29.76
N PHE A 616 -7.46 17.82 29.12
CA PHE A 616 -7.57 18.35 27.76
C PHE A 616 -7.34 17.28 26.69
N VAL A 617 -6.33 16.43 26.88
CA VAL A 617 -6.04 15.33 25.96
C VAL A 617 -7.11 14.25 26.17
N LEU A 618 -7.91 13.99 25.15
CA LEU A 618 -9.04 13.05 25.26
C LEU A 618 -8.68 11.69 24.68
N TYR A 619 -7.61 11.64 23.90
CA TYR A 619 -7.19 10.42 23.18
C TYR A 619 -5.77 10.52 22.62
N GLY A 620 -5.16 9.37 22.36
CA GLY A 620 -3.87 9.31 21.69
C GLY A 620 -3.54 7.88 21.33
N ASP A 621 -2.78 7.70 20.26
CA ASP A 621 -2.45 6.36 19.77
C ASP A 621 -1.02 6.38 19.24
N THR A 622 -0.14 5.70 19.97
CA THR A 622 1.28 5.54 19.59
C THR A 622 2.12 6.80 19.70
N ASP A 623 1.80 7.82 18.91
CA ASP A 623 2.56 9.04 18.84
C ASP A 623 1.68 10.29 18.63
N SER A 624 0.37 10.16 18.82
CA SER A 624 -0.52 11.29 18.61
C SER A 624 -1.26 11.69 19.86
N ILE A 625 -1.71 12.95 19.91
CA ILE A 625 -2.66 13.40 20.92
C ILE A 625 -3.84 14.13 20.31
N TYR A 626 -5.01 13.91 20.91
CA TYR A 626 -6.23 14.60 20.53
C TYR A 626 -6.65 15.48 21.68
N VAL A 627 -6.65 16.78 21.42
CA VAL A 627 -6.85 17.76 22.47
C VAL A 627 -8.23 18.36 22.29
N SER A 628 -9.04 18.28 23.35
CA SER A 628 -10.32 18.97 23.35
C SER A 628 -10.02 20.45 23.44
N ALA A 629 -10.56 21.20 22.48
CA ALA A 629 -10.32 22.64 22.39
C ALA A 629 -11.52 23.45 22.85
N ASP A 630 -12.49 22.79 23.50
CA ASP A 630 -13.72 23.46 23.94
C ASP A 630 -13.44 24.62 24.86
N LYS A 631 -12.53 24.40 25.82
CA LYS A 631 -12.22 25.42 26.81
C LYS A 631 -11.41 26.57 26.22
N ILE A 632 -10.62 26.28 25.18
CA ILE A 632 -9.88 27.33 24.46
C ILE A 632 -10.88 28.25 23.77
N ILE A 633 -11.86 27.66 23.08
CA ILE A 633 -12.91 28.41 22.41
C ILE A 633 -13.80 29.18 23.40
N ASP A 634 -14.15 28.54 24.51
CA ASP A 634 -15.02 29.18 25.51
C ASP A 634 -14.32 30.31 26.24
N LYS A 635 -13.00 30.19 26.46
CA LYS A 635 -12.23 31.26 27.07
C LYS A 635 -12.45 32.59 26.37
N VAL A 636 -12.43 32.59 25.05
CA VAL A 636 -12.66 33.83 24.30
C VAL A 636 -14.15 34.06 24.03
N GLY A 637 -14.92 32.98 23.95
CA GLY A 637 -16.36 33.05 23.68
C GLY A 637 -16.68 32.97 22.20
N GLU A 638 -17.56 32.02 21.84
CA GLU A 638 -17.95 31.77 20.44
C GLU A 638 -18.50 32.99 19.74
N SER A 639 -19.19 33.85 20.51
CA SER A 639 -19.78 35.09 20.02
C SER A 639 -18.80 35.96 19.26
N LYS A 640 -17.54 35.95 19.69
CA LYS A 640 -16.50 36.79 19.13
C LYS A 640 -16.09 36.42 17.69
N PHE A 641 -16.42 35.19 17.25
CA PHE A 641 -16.02 34.76 15.91
C PHE A 641 -17.02 35.13 14.82
N ARG A 642 -16.49 35.58 13.69
CA ARG A 642 -17.28 36.04 12.54
C ARG A 642 -17.92 34.88 11.80
N ASP A 643 -17.10 33.88 11.48
CA ASP A 643 -17.51 32.71 10.71
C ASP A 643 -16.64 31.53 11.15
N THR A 644 -16.83 30.36 10.53
CA THR A 644 -16.04 29.18 10.86
C THR A 644 -14.54 29.40 10.67
N ASN A 645 -14.16 29.98 9.53
CA ASN A 645 -12.76 30.18 9.19
C ASN A 645 -12.00 31.03 10.20
N HIS A 646 -12.71 31.94 10.85
CA HIS A 646 -12.14 32.77 11.92
C HIS A 646 -11.70 31.94 13.12
N TRP A 647 -12.55 31.05 13.62
CA TRP A 647 -12.14 30.22 14.75
C TRP A 647 -11.12 29.15 14.34
N VAL A 648 -11.19 28.69 13.10
CA VAL A 648 -10.16 27.79 12.57
C VAL A 648 -8.81 28.53 12.60
N ASP A 649 -8.80 29.75 12.07
CA ASP A 649 -7.63 30.62 12.09
C ASP A 649 -7.09 30.83 13.50
N PHE A 650 -8.01 31.07 14.44
CA PHE A 650 -7.67 31.23 15.83
C PHE A 650 -6.98 30.01 16.45
N LEU A 651 -7.56 28.83 16.26
CA LEU A 651 -6.96 27.60 16.77
C LEU A 651 -5.66 27.26 16.03
N ASP A 652 -5.61 27.56 14.73
CA ASP A 652 -4.39 27.34 13.98
C ASP A 652 -3.26 28.14 14.59
N LYS A 653 -3.51 29.42 14.83
CA LYS A 653 -2.54 30.32 15.44
C LYS A 653 -2.19 29.85 16.86
N PHE A 654 -3.22 29.54 17.66
CA PHE A 654 -3.04 29.02 19.02
C PHE A 654 -2.11 27.79 19.06
N ALA A 655 -2.33 26.83 18.15
CA ALA A 655 -1.50 25.62 18.08
C ALA A 655 -0.05 25.95 17.71
N ARG A 656 0.15 26.83 16.74
CA ARG A 656 1.48 27.11 16.21
C ARG A 656 2.31 28.02 17.13
N GLU A 657 1.68 29.01 17.72
CA GLU A 657 2.41 30.05 18.44
C GLU A 657 2.53 29.77 19.94
N ARG A 658 1.61 28.97 20.47
CA ARG A 658 1.51 28.73 21.91
C ARG A 658 1.73 27.26 22.27
N MET A 659 0.92 26.38 21.69
CA MET A 659 1.00 24.96 22.02
C MET A 659 2.27 24.26 21.57
N GLU A 660 2.59 24.39 20.27
CA GLU A 660 3.80 23.78 19.74
C GLU A 660 5.07 24.18 20.50
N PRO A 661 5.29 25.48 20.77
CA PRO A 661 6.46 25.83 21.61
C PRO A 661 6.44 25.21 23.02
N ALA A 662 5.24 25.07 23.61
CA ALA A 662 5.08 24.34 24.87
C ALA A 662 5.45 22.86 24.70
N ILE A 663 4.92 22.24 23.65
CA ILE A 663 5.27 20.86 23.30
C ILE A 663 6.78 20.67 23.11
N ASP A 664 7.41 21.61 22.41
CA ASP A 664 8.83 21.51 22.11
C ASP A 664 9.68 21.57 23.36
N ARG A 665 9.39 22.54 24.24
CA ARG A 665 10.02 22.58 25.59
C ARG A 665 9.81 21.27 26.35
N GLY A 666 8.58 20.76 26.30
CA GLY A 666 8.21 19.49 26.94
C GLY A 666 9.11 18.35 26.50
N PHE A 667 9.36 18.27 25.20
CA PHE A 667 10.20 17.22 24.65
C PHE A 667 11.70 17.47 24.82
N ARG A 668 12.13 18.72 24.87
CA ARG A 668 13.55 19.02 25.13
C ARG A 668 13.95 18.56 26.53
N GLU A 669 13.05 18.76 27.49
CA GLU A 669 13.23 18.26 28.87
C GLU A 669 13.39 16.73 28.87
N MET A 670 12.57 16.05 28.08
CA MET A 670 12.59 14.59 28.01
C MET A 670 13.90 14.08 27.42
N CYS A 671 14.37 14.75 26.37
CA CYS A 671 15.66 14.48 25.74
C CYS A 671 16.83 14.53 26.73
N GLU A 672 16.89 15.59 27.54
CA GLU A 672 17.93 15.73 28.56
C GLU A 672 17.79 14.68 29.65
N TYR A 673 16.55 14.40 30.04
CA TYR A 673 16.24 13.32 30.98
C TYR A 673 16.83 11.97 30.53
N MET A 674 16.68 11.68 29.23
CA MET A 674 17.24 10.44 28.67
C MET A 674 18.68 10.64 28.19
N ASN A 675 19.20 11.86 28.36
CA ASN A 675 20.50 12.21 27.84
C ASN A 675 20.70 11.80 26.36
N ASN A 676 19.69 12.07 25.54
CA ASN A 676 19.71 11.64 24.13
C ASN A 676 20.70 12.39 23.22
N LYS A 677 21.06 11.76 22.10
CA LYS A 677 22.04 12.30 21.16
C LYS A 677 21.58 13.59 20.51
N GLN A 678 20.32 13.63 20.08
CA GLN A 678 19.80 14.73 19.30
C GLN A 678 18.30 14.81 19.50
N HIS A 679 17.79 16.00 19.81
CA HIS A 679 16.37 16.21 19.99
C HIS A 679 15.64 16.12 18.65
N LEU A 680 14.83 15.07 18.46
CA LEU A 680 14.13 14.92 17.18
C LEU A 680 12.62 14.67 17.30
N MET A 681 12.08 14.88 18.49
CA MET A 681 10.65 14.68 18.74
C MET A 681 9.91 15.95 18.30
N PHE A 682 9.43 15.94 17.07
CA PHE A 682 8.74 17.07 16.46
C PHE A 682 7.26 16.74 16.30
N MET A 683 6.45 17.27 17.20
CA MET A 683 5.03 16.96 17.23
C MET A 683 4.16 18.11 16.66
N ASP A 684 4.00 18.08 15.34
CA ASP A 684 3.26 19.12 14.61
C ASP A 684 1.74 18.92 14.62
N ARG A 685 1.01 20.03 14.65
CA ARG A 685 -0.45 19.99 14.58
C ARG A 685 -0.92 19.23 13.32
N GLU A 686 -1.84 18.29 13.50
CA GLU A 686 -2.37 17.54 12.39
C GLU A 686 -3.69 18.21 11.96
N ALA A 687 -4.77 17.94 12.70
CA ALA A 687 -6.12 18.39 12.34
C ALA A 687 -6.69 19.48 13.27
N ILE A 688 -7.47 20.38 12.66
CA ILE A 688 -8.34 21.30 13.39
C ILE A 688 -9.78 20.93 13.08
N ALA A 689 -10.56 20.60 14.11
CA ALA A 689 -11.88 20.02 13.90
C ALA A 689 -12.95 20.65 14.76
N GLY A 690 -14.13 20.78 14.17
CA GLY A 690 -15.28 21.34 14.86
C GLY A 690 -16.46 21.38 13.91
N PRO A 691 -17.66 21.68 14.44
CA PRO A 691 -18.86 21.92 13.62
C PRO A 691 -18.79 23.29 12.94
N PRO A 692 -19.55 23.49 11.83
CA PRO A 692 -19.68 24.86 11.29
C PRO A 692 -20.26 25.79 12.34
N LEU A 693 -19.77 27.03 12.40
CA LEU A 693 -20.21 28.01 13.38
C LEU A 693 -21.73 28.19 13.26
N GLY A 694 -22.42 28.15 14.39
CA GLY A 694 -23.88 28.36 14.40
C GLY A 694 -24.72 27.22 13.84
N SER A 695 -24.11 26.07 13.63
CA SER A 695 -24.85 24.85 13.26
C SER A 695 -25.14 23.99 14.50
N LYS A 696 -25.96 22.96 14.32
CA LYS A 696 -26.17 21.95 15.37
C LYS A 696 -25.24 20.73 15.26
N GLY A 697 -24.24 20.81 14.38
CA GLY A 697 -23.27 19.73 14.23
C GLY A 697 -22.51 19.46 15.52
N ILE A 698 -22.20 18.19 15.77
CA ILE A 698 -21.52 17.80 17.01
C ILE A 698 -19.97 17.86 16.89
N GLY A 699 -19.47 18.07 15.67
CA GLY A 699 -18.02 18.22 15.46
C GLY A 699 -17.24 16.92 15.29
N GLY A 700 -17.28 16.06 16.30
CA GLY A 700 -16.57 14.78 16.29
C GLY A 700 -17.17 13.83 17.31
N PHE A 701 -16.79 12.56 17.23
CA PHE A 701 -17.09 11.56 18.27
C PHE A 701 -16.07 10.43 18.28
N TRP A 702 -15.89 9.81 19.46
CA TRP A 702 -15.14 8.57 19.61
C TRP A 702 -16.10 7.48 20.10
N THR A 703 -15.99 6.29 19.54
CA THR A 703 -16.70 5.13 20.10
C THR A 703 -15.76 4.27 20.96
N GLY A 704 -14.46 4.40 20.75
CA GLY A 704 -13.47 3.58 21.45
C GLY A 704 -12.09 3.74 20.81
N LYS A 705 -11.14 2.93 21.27
CA LYS A 705 -9.81 2.95 20.67
C LYS A 705 -9.95 2.66 19.19
N LYS A 706 -9.22 3.43 18.38
CA LYS A 706 -9.07 3.22 16.95
C LYS A 706 -10.35 3.46 16.18
N ARG A 707 -11.33 4.10 16.84
CA ARG A 707 -12.64 4.32 16.22
C ARG A 707 -13.23 5.74 16.43
N TYR A 708 -13.17 6.59 15.40
CA TYR A 708 -13.59 7.96 15.59
C TYR A 708 -13.84 8.69 14.28
N ALA A 709 -14.55 9.82 14.37
CA ALA A 709 -14.86 10.68 13.23
C ALA A 709 -14.68 12.15 13.63
N LEU A 710 -14.12 12.96 12.73
CA LEU A 710 -13.89 14.38 12.96
C LEU A 710 -14.23 15.18 11.70
N ASN A 711 -14.93 16.29 11.88
CA ASN A 711 -15.15 17.25 10.82
C ASN A 711 -13.95 18.21 10.74
N VAL A 712 -13.09 18.00 9.73
CA VAL A 712 -11.81 18.69 9.67
C VAL A 712 -11.81 19.87 8.70
N TRP A 713 -11.30 21.02 9.16
CA TRP A 713 -11.24 22.23 8.36
C TRP A 713 -9.83 22.47 7.85
N ASP A 714 -8.84 22.05 8.64
CA ASP A 714 -7.44 22.25 8.26
C ASP A 714 -6.65 21.01 8.63
N MET A 715 -5.84 20.54 7.68
CA MET A 715 -5.09 19.30 7.85
C MET A 715 -3.64 19.47 7.42
N GLU A 716 -2.73 19.47 8.42
CA GLU A 716 -1.29 19.68 8.25
C GLU A 716 -0.96 20.93 7.43
N GLY A 717 -1.74 21.98 7.61
CA GLY A 717 -1.53 23.22 6.89
C GLY A 717 -2.36 23.37 5.63
N THR A 718 -3.10 22.33 5.26
CA THR A 718 -4.01 22.45 4.11
C THR A 718 -5.38 22.96 4.59
N ARG A 719 -5.70 24.21 4.26
CA ARG A 719 -7.03 24.77 4.57
C ARG A 719 -8.00 24.38 3.49
N TYR A 720 -8.97 23.52 3.81
CA TYR A 720 -9.91 23.02 2.81
C TYR A 720 -10.90 24.08 2.35
N ALA A 721 -11.25 24.03 1.08
CA ALA A 721 -12.37 24.82 0.55
C ALA A 721 -13.66 24.32 1.19
N GLU A 722 -13.81 23.00 1.30
CA GLU A 722 -14.97 22.38 1.95
C GLU A 722 -14.51 21.44 3.05
N PRO A 723 -15.19 21.45 4.21
CA PRO A 723 -14.80 20.57 5.32
C PRO A 723 -14.67 19.10 4.88
N LYS A 724 -13.69 18.39 5.44
CA LYS A 724 -13.44 17.00 5.06
C LYS A 724 -13.52 16.09 6.28
N LEU A 725 -14.17 14.94 6.14
CA LEU A 725 -14.30 14.05 7.30
C LEU A 725 -13.03 13.25 7.53
N LYS A 726 -12.50 13.25 8.75
CA LYS A 726 -11.43 12.34 9.05
C LYS A 726 -12.05 11.22 9.86
N ILE A 727 -12.20 10.05 9.24
CA ILE A 727 -12.83 8.90 9.90
C ILE A 727 -11.85 7.75 10.00
N MET A 728 -11.65 7.22 11.21
CA MET A 728 -10.77 6.07 11.40
C MET A 728 -11.49 4.90 12.04
N GLY A 729 -11.26 3.70 11.53
CA GLY A 729 -11.76 2.47 12.16
C GLY A 729 -13.22 2.14 11.93
N LEU A 730 -14.05 3.16 11.73
CA LEU A 730 -15.48 2.94 11.55
C LEU A 730 -15.78 2.18 10.27
N GLU A 731 -16.97 1.57 10.19
CA GLU A 731 -17.32 0.68 9.09
C GLU A 731 -17.23 1.33 7.71
N THR A 732 -17.30 2.66 7.64
CA THR A 732 -17.15 3.37 6.37
C THR A 732 -15.76 3.18 5.77
N GLN A 733 -14.80 2.79 6.62
CA GLN A 733 -13.40 2.70 6.22
C GLN A 733 -13.01 1.27 5.91
N LYS A 734 -13.95 0.34 6.07
CA LYS A 734 -13.66 -1.10 5.92
C LYS A 734 -14.17 -1.64 4.59
N SER A 735 -13.29 -2.34 3.86
CA SER A 735 -13.65 -2.91 2.56
C SER A 735 -14.66 -4.05 2.67
N SER A 736 -14.83 -4.58 3.88
CA SER A 736 -15.84 -5.61 4.13
C SER A 736 -17.27 -5.05 4.18
N THR A 737 -17.42 -3.77 4.46
CA THR A 737 -18.73 -3.10 4.51
C THR A 737 -19.25 -2.88 3.08
N PRO A 738 -20.55 -3.14 2.83
CA PRO A 738 -21.06 -2.97 1.47
C PRO A 738 -20.90 -1.52 1.00
N LYS A 739 -20.59 -1.35 -0.29
CA LYS A 739 -20.42 -0.04 -0.93
C LYS A 739 -21.45 1.02 -0.55
N ALA A 740 -22.72 0.75 -0.84
CA ALA A 740 -23.80 1.70 -0.56
C ALA A 740 -24.02 1.90 0.95
N VAL A 741 -23.65 0.90 1.75
CA VAL A 741 -23.69 1.06 3.18
C VAL A 741 -22.54 1.97 3.65
N GLN A 742 -21.32 1.80 3.12
CA GLN A 742 -20.25 2.77 3.40
C GLN A 742 -20.76 4.18 3.14
N LYS A 743 -21.39 4.36 1.98
CA LYS A 743 -21.87 5.66 1.53
C LYS A 743 -22.86 6.25 2.50
N ALA A 744 -23.86 5.44 2.87
CA ALA A 744 -24.98 5.90 3.71
C ALA A 744 -24.52 6.20 5.14
N LEU A 745 -23.68 5.32 5.69
CA LEU A 745 -23.05 5.57 7.00
C LEU A 745 -22.18 6.85 6.98
N LYS A 746 -21.46 7.08 5.88
CA LYS A 746 -20.67 8.30 5.78
C LYS A 746 -21.55 9.56 5.79
N GLU A 747 -22.65 9.51 5.05
CA GLU A 747 -23.59 10.63 5.06
C GLU A 747 -24.26 10.77 6.43
N CYS A 748 -24.52 9.64 7.10
CA CYS A 748 -25.03 9.71 8.49
C CYS A 748 -24.03 10.44 9.37
N ILE A 749 -22.75 10.12 9.18
CA ILE A 749 -21.69 10.78 9.95
C ILE A 749 -21.58 12.27 9.55
N ARG A 750 -21.52 12.55 8.24
CA ARG A 750 -21.45 13.93 7.79
C ARG A 750 -22.53 14.77 8.49
N ARG A 751 -23.75 14.25 8.52
CA ARG A 751 -24.91 14.96 9.07
C ARG A 751 -24.80 15.17 10.57
N MET A 752 -24.43 14.12 11.30
CA MET A 752 -24.14 14.23 12.74
C MET A 752 -23.16 15.36 13.03
N LEU A 753 -21.99 15.31 12.37
CA LEU A 753 -20.87 16.21 12.65
C LEU A 753 -21.09 17.63 12.18
N GLN A 754 -21.80 17.78 11.06
CA GLN A 754 -22.00 19.09 10.42
C GLN A 754 -23.38 19.72 10.67
N GLU A 755 -24.40 18.90 10.88
CA GLU A 755 -25.78 19.41 10.86
C GLU A 755 -26.60 19.15 12.13
N GLY A 756 -26.47 17.97 12.72
CA GLY A 756 -27.18 17.67 13.95
C GLY A 756 -28.05 16.44 13.91
N GLU A 757 -28.70 16.17 15.04
CA GLU A 757 -29.58 15.01 15.21
C GLU A 757 -30.78 14.96 14.24
N GLU A 758 -31.51 16.06 14.12
CA GLU A 758 -32.65 16.13 13.20
C GLU A 758 -32.26 15.74 11.77
N SER A 759 -31.20 16.35 11.25
CA SER A 759 -30.73 16.01 9.91
C SER A 759 -30.43 14.52 9.76
N LEU A 760 -29.78 13.96 10.78
CA LEU A 760 -29.48 12.52 10.83
C LEU A 760 -30.76 11.70 10.73
N GLN A 761 -31.77 12.08 11.49
CA GLN A 761 -33.03 11.35 11.55
C GLN A 761 -33.76 11.37 10.21
N GLU A 762 -33.67 12.50 9.53
CA GLU A 762 -34.26 12.66 8.21
C GLU A 762 -33.61 11.67 7.24
N TYR A 763 -32.28 11.65 7.21
CA TYR A 763 -31.58 10.79 6.27
C TYR A 763 -31.80 9.32 6.58
N PHE A 764 -31.80 8.97 7.87
CA PHE A 764 -31.98 7.59 8.27
C PHE A 764 -33.30 7.09 7.74
N LYS A 765 -34.35 7.88 7.97
CA LYS A 765 -35.70 7.47 7.60
C LYS A 765 -35.76 7.17 6.09
N GLU A 766 -35.15 8.06 5.30
CA GLU A 766 -35.12 7.92 3.85
C GLU A 766 -34.36 6.69 3.41
N PHE A 767 -33.13 6.52 3.92
CA PHE A 767 -32.32 5.37 3.56
C PHE A 767 -33.05 4.07 3.87
N GLU A 768 -33.70 4.03 5.04
CA GLU A 768 -34.47 2.85 5.44
C GLU A 768 -35.60 2.55 4.45
N LYS A 769 -36.30 3.58 4.00
CA LYS A 769 -37.39 3.43 3.03
C LYS A 769 -36.95 2.94 1.65
N GLU A 770 -35.73 3.29 1.25
CA GLU A 770 -35.26 3.06 -0.12
C GLU A 770 -34.28 1.89 -0.25
N PHE A 771 -33.80 1.41 0.90
CA PHE A 771 -32.80 0.34 0.97
C PHE A 771 -33.01 -0.79 -0.05
N ARG A 772 -34.24 -1.30 -0.10
CA ARG A 772 -34.57 -2.50 -0.88
C ARG A 772 -34.47 -2.34 -2.38
N GLN A 773 -34.17 -1.11 -2.83
CA GLN A 773 -34.06 -0.84 -4.26
C GLN A 773 -32.64 -0.75 -4.77
N LEU A 774 -31.67 -0.79 -3.86
CA LEU A 774 -30.26 -0.74 -4.24
C LEU A 774 -29.83 -2.02 -4.97
N ASN A 775 -28.96 -1.86 -5.96
CA ASN A 775 -28.32 -3.01 -6.61
C ASN A 775 -27.74 -3.98 -5.58
N TYR A 776 -27.92 -5.28 -5.83
CA TYR A 776 -27.53 -6.30 -4.85
C TYR A 776 -26.03 -6.28 -4.57
N ILE A 777 -25.22 -5.98 -5.58
CA ILE A 777 -23.77 -5.92 -5.39
C ILE A 777 -23.40 -4.79 -4.44
N SER A 778 -24.10 -3.66 -4.56
CA SER A 778 -23.81 -2.49 -3.73
C SER A 778 -24.14 -2.71 -2.27
N ILE A 779 -24.92 -3.76 -1.99
CA ILE A 779 -25.33 -4.06 -0.60
C ILE A 779 -24.81 -5.38 -0.04
N ALA A 780 -24.00 -6.09 -0.84
CA ALA A 780 -23.37 -7.33 -0.38
C ALA A 780 -22.15 -7.03 0.48
N SER A 781 -21.94 -7.84 1.53
CA SER A 781 -20.70 -7.73 2.32
C SER A 781 -19.58 -8.36 1.53
N VAL A 782 -18.34 -8.12 1.97
CA VAL A 782 -17.15 -8.64 1.32
C VAL A 782 -16.29 -9.32 2.36
N SER A 783 -15.68 -10.44 2.00
CA SER A 783 -14.68 -11.06 2.86
C SER A 783 -13.63 -11.82 2.07
N SER A 784 -12.46 -11.98 2.68
CA SER A 784 -11.44 -12.89 2.16
C SER A 784 -11.85 -14.31 2.46
N ALA A 785 -11.67 -15.20 1.49
CA ALA A 785 -12.03 -16.61 1.66
C ALA A 785 -10.80 -17.49 1.92
N ASN A 786 -10.41 -17.59 3.19
CA ASN A 786 -9.26 -18.38 3.59
C ASN A 786 -9.64 -19.73 4.19
N ASN A 787 -8.84 -20.75 3.90
CA ASN A 787 -9.04 -22.11 4.42
C ASN A 787 -10.42 -22.71 4.14
N ILE A 788 -10.92 -22.53 2.92
CA ILE A 788 -12.22 -23.09 2.50
C ILE A 788 -12.32 -24.61 2.73
N ALA A 789 -11.29 -25.33 2.30
CA ALA A 789 -11.26 -26.81 2.40
C ALA A 789 -11.40 -27.28 3.83
N LYS A 790 -10.70 -26.60 4.74
CA LYS A 790 -10.71 -26.95 6.16
C LYS A 790 -12.12 -27.14 6.73
N TYR A 791 -13.08 -26.38 6.20
CA TYR A 791 -14.46 -26.38 6.67
C TYR A 791 -15.42 -27.10 5.74
N ASP A 792 -14.88 -27.74 4.70
CA ASP A 792 -15.67 -28.42 3.68
C ASP A 792 -15.86 -29.89 4.04
N VAL A 793 -16.99 -30.19 4.68
CA VAL A 793 -17.32 -31.57 5.05
C VAL A 793 -18.44 -32.11 4.16
N GLY A 794 -18.05 -32.77 3.07
CA GLY A 794 -18.98 -33.34 2.10
C GLY A 794 -19.81 -32.31 1.36
N GLY A 795 -19.25 -31.12 1.16
CA GLY A 795 -19.97 -29.98 0.58
C GLY A 795 -20.80 -29.18 1.57
N PHE A 796 -20.65 -29.49 2.87
CA PHE A 796 -21.42 -28.83 3.93
C PHE A 796 -20.49 -28.26 5.00
N PRO A 797 -20.99 -27.30 5.81
CA PRO A 797 -20.13 -26.66 6.80
C PRO A 797 -19.73 -27.59 7.93
N GLY A 798 -18.42 -27.71 8.17
CA GLY A 798 -17.89 -28.37 9.36
C GLY A 798 -17.96 -27.45 10.57
N PRO A 799 -17.46 -27.90 11.74
CA PRO A 799 -17.51 -27.12 12.98
C PRO A 799 -16.74 -25.79 12.92
N LYS A 800 -17.29 -24.76 13.58
CA LYS A 800 -16.70 -23.41 13.64
C LYS A 800 -16.59 -22.71 12.28
N CYS A 801 -17.32 -23.23 11.30
CA CYS A 801 -17.31 -22.66 9.94
C CYS A 801 -17.69 -21.17 9.91
N PRO A 802 -16.76 -20.31 9.45
CA PRO A 802 -17.12 -18.89 9.37
C PRO A 802 -18.27 -18.67 8.39
N PHE A 803 -19.01 -17.58 8.62
CA PHE A 803 -20.22 -17.24 7.88
C PHE A 803 -19.96 -17.15 6.38
N HIS A 804 -18.91 -16.42 6.01
CA HIS A 804 -18.56 -16.22 4.59
C HIS A 804 -18.12 -17.53 3.94
N ILE A 805 -17.48 -18.40 4.71
CA ILE A 805 -17.11 -19.74 4.22
C ILE A 805 -18.35 -20.60 4.01
N ARG A 806 -19.32 -20.52 4.94
CA ARG A 806 -20.62 -21.16 4.73
C ARG A 806 -21.23 -20.74 3.40
N GLY A 807 -21.12 -19.44 3.08
CA GLY A 807 -21.65 -18.91 1.83
C GLY A 807 -21.00 -19.51 0.61
N ILE A 808 -19.68 -19.67 0.65
CA ILE A 808 -18.94 -20.31 -0.43
C ILE A 808 -19.42 -21.74 -0.67
N LEU A 809 -19.65 -22.48 0.41
CA LEU A 809 -20.09 -23.85 0.30
C LEU A 809 -21.49 -23.93 -0.29
N THR A 810 -22.34 -22.99 0.11
CA THR A 810 -23.69 -22.87 -0.46
C THR A 810 -23.57 -22.64 -1.96
N TYR A 811 -22.62 -21.81 -2.34
CA TYR A 811 -22.38 -21.49 -3.75
C TYR A 811 -21.88 -22.71 -4.52
N ASN A 812 -20.86 -23.39 -3.98
CA ASN A 812 -20.32 -24.61 -4.60
C ASN A 812 -21.37 -25.71 -4.85
N ARG A 813 -22.36 -25.83 -3.97
CA ARG A 813 -23.43 -26.81 -4.17
C ARG A 813 -24.40 -26.35 -5.25
N ALA A 814 -24.73 -25.07 -5.26
CA ALA A 814 -25.64 -24.51 -6.27
C ALA A 814 -25.08 -24.65 -7.69
N ILE A 815 -23.76 -24.54 -7.84
CA ILE A 815 -23.15 -24.55 -9.17
C ILE A 815 -22.62 -25.92 -9.61
N LYS A 816 -22.50 -26.84 -8.66
CA LYS A 816 -21.96 -28.17 -8.93
C LYS A 816 -22.54 -28.72 -10.22
N GLY A 817 -21.66 -29.07 -11.16
CA GLY A 817 -22.09 -29.63 -12.44
C GLY A 817 -22.02 -28.66 -13.60
N ASN A 818 -22.18 -27.37 -13.32
CA ASN A 818 -22.12 -26.34 -14.36
C ASN A 818 -20.69 -26.01 -14.77
N ILE A 819 -20.40 -26.31 -16.03
CA ILE A 819 -19.04 -26.29 -16.58
C ILE A 819 -18.36 -24.93 -16.43
N ASP A 820 -19.06 -23.86 -16.81
CA ASP A 820 -18.46 -22.54 -16.87
C ASP A 820 -18.83 -21.59 -15.72
N ALA A 821 -19.31 -22.16 -14.60
CA ALA A 821 -19.55 -21.36 -13.41
C ALA A 821 -18.22 -21.01 -12.76
N PRO A 822 -17.95 -19.70 -12.52
CA PRO A 822 -16.68 -19.27 -11.94
C PRO A 822 -16.45 -19.87 -10.55
N GLN A 823 -15.28 -20.44 -10.34
CA GLN A 823 -14.95 -21.02 -9.04
C GLN A 823 -14.46 -19.94 -8.08
N VAL A 824 -14.82 -20.08 -6.82
CA VAL A 824 -14.21 -19.27 -5.77
C VAL A 824 -12.76 -19.76 -5.61
N VAL A 825 -11.80 -18.84 -5.68
CA VAL A 825 -10.40 -19.15 -5.48
C VAL A 825 -10.00 -18.93 -4.03
N GLU A 826 -9.32 -19.94 -3.47
CA GLU A 826 -8.78 -19.89 -2.11
C GLU A 826 -7.97 -18.63 -1.88
N GLY A 827 -8.18 -17.99 -0.74
CA GLY A 827 -7.51 -16.74 -0.39
C GLY A 827 -8.01 -15.46 -1.05
N GLU A 828 -8.88 -15.57 -2.05
CA GLU A 828 -9.39 -14.39 -2.75
C GLU A 828 -10.68 -13.87 -2.11
N LYS A 829 -11.20 -12.76 -2.59
CA LYS A 829 -12.35 -12.13 -1.93
C LYS A 829 -13.71 -12.50 -2.53
N VAL A 830 -14.72 -12.55 -1.65
CA VAL A 830 -16.10 -12.86 -2.06
C VAL A 830 -17.09 -11.82 -1.55
N TYR A 831 -18.12 -11.57 -2.37
CA TYR A 831 -19.34 -10.91 -1.93
C TYR A 831 -20.17 -11.92 -1.15
N VAL A 832 -20.90 -11.44 -0.14
CA VAL A 832 -21.68 -12.32 0.74
C VAL A 832 -23.06 -11.71 0.92
N LEU A 833 -24.10 -12.52 0.74
CA LEU A 833 -25.48 -12.10 1.03
C LEU A 833 -26.19 -13.13 1.89
N PRO A 834 -26.94 -12.66 2.91
CA PRO A 834 -27.79 -13.53 3.71
C PRO A 834 -29.07 -13.90 2.95
N LEU A 835 -29.59 -15.10 3.22
CA LEU A 835 -30.79 -15.63 2.57
C LEU A 835 -31.89 -15.88 3.58
N ARG A 836 -33.14 -15.67 3.17
CA ARG A 836 -34.28 -15.91 4.05
C ARG A 836 -34.50 -17.41 4.27
N GLU A 837 -35.18 -17.72 5.37
CA GLU A 837 -35.61 -19.08 5.68
C GLU A 837 -36.34 -19.71 4.48
N GLY A 838 -36.06 -20.98 4.22
CA GLY A 838 -36.80 -21.75 3.22
C GLY A 838 -36.32 -21.58 1.80
N ASN A 839 -35.20 -20.89 1.62
CA ASN A 839 -34.59 -20.68 0.31
C ASN A 839 -34.12 -21.99 -0.32
N PRO A 840 -34.07 -22.06 -1.67
CA PRO A 840 -33.71 -23.29 -2.37
C PRO A 840 -32.22 -23.66 -2.32
N PHE A 841 -31.40 -22.86 -1.63
CA PHE A 841 -29.96 -23.13 -1.47
C PHE A 841 -29.65 -23.93 -0.21
N GLY A 842 -30.65 -24.08 0.66
CA GLY A 842 -30.53 -24.90 1.86
C GLY A 842 -29.67 -24.32 2.99
N ASP A 843 -29.38 -23.02 2.92
CA ASP A 843 -28.57 -22.38 3.95
C ASP A 843 -28.77 -20.88 4.05
N LYS A 844 -28.21 -20.28 5.10
CA LYS A 844 -28.57 -18.92 5.51
C LYS A 844 -27.81 -17.80 4.81
N CYS A 845 -26.85 -18.17 3.94
CA CYS A 845 -26.10 -17.19 3.16
C CYS A 845 -25.45 -17.79 1.93
N ILE A 846 -25.15 -16.95 0.95
CA ILE A 846 -24.39 -17.34 -0.25
C ILE A 846 -23.25 -16.34 -0.47
N ALA A 847 -22.19 -16.81 -1.12
CA ALA A 847 -21.02 -15.98 -1.41
C ALA A 847 -20.45 -16.34 -2.77
N TRP A 848 -19.85 -15.37 -3.44
CA TRP A 848 -19.33 -15.58 -4.80
C TRP A 848 -18.18 -14.62 -5.06
N PRO A 849 -17.34 -14.89 -6.08
CA PRO A 849 -16.17 -14.05 -6.35
C PRO A 849 -16.53 -12.58 -6.48
N SER A 850 -15.84 -11.75 -5.69
CA SER A 850 -16.10 -10.32 -5.63
C SER A 850 -15.67 -9.63 -6.92
N GLY A 851 -16.19 -8.42 -7.14
CA GLY A 851 -15.99 -7.71 -8.39
C GLY A 851 -16.70 -8.35 -9.57
N THR A 852 -17.53 -9.37 -9.33
CA THR A 852 -18.26 -10.02 -10.44
C THR A 852 -19.77 -10.15 -10.19
N GLU A 853 -20.53 -10.16 -11.27
CA GLU A 853 -21.95 -10.54 -11.24
C GLU A 853 -22.02 -12.02 -10.90
N ILE A 854 -22.99 -12.40 -10.08
CA ILE A 854 -23.17 -13.81 -9.77
C ILE A 854 -23.71 -14.51 -11.03
N THR A 855 -23.18 -15.69 -11.33
CA THR A 855 -23.56 -16.46 -12.50
C THR A 855 -25.08 -16.51 -12.72
N ASP A 856 -25.49 -16.31 -13.97
CA ASP A 856 -26.90 -16.14 -14.34
C ASP A 856 -27.83 -17.28 -13.92
N LEU A 857 -27.27 -18.49 -13.75
CA LEU A 857 -28.05 -19.67 -13.36
C LEU A 857 -28.67 -19.57 -11.96
N ILE A 858 -28.03 -18.81 -11.06
CA ILE A 858 -28.53 -18.66 -9.68
C ILE A 858 -28.84 -17.21 -9.32
N LYS A 859 -28.53 -16.29 -10.23
CA LYS A 859 -28.69 -14.85 -9.96
C LYS A 859 -30.09 -14.50 -9.51
N ASP A 860 -31.09 -14.93 -10.28
CA ASP A 860 -32.49 -14.66 -9.99
C ASP A 860 -32.93 -15.19 -8.62
N ASP A 861 -32.51 -16.41 -8.28
CA ASP A 861 -32.80 -17.01 -6.98
C ASP A 861 -32.18 -16.23 -5.82
N VAL A 862 -30.92 -15.81 -5.99
CA VAL A 862 -30.28 -14.93 -5.02
C VAL A 862 -31.12 -13.66 -4.84
N LEU A 863 -31.45 -13.00 -5.95
CA LEU A 863 -32.24 -11.75 -5.89
C LEU A 863 -33.56 -11.94 -5.16
N HIS A 864 -34.19 -13.09 -5.37
CA HIS A 864 -35.49 -13.40 -4.81
C HIS A 864 -35.43 -13.76 -3.32
N TRP A 865 -34.34 -14.37 -2.88
CA TRP A 865 -34.27 -14.87 -1.50
C TRP A 865 -33.37 -14.05 -0.58
N MET A 866 -32.72 -13.04 -1.15
CA MET A 866 -31.97 -12.04 -0.40
C MET A 866 -32.70 -11.59 0.86
N ASP A 867 -32.02 -11.67 2.00
CA ASP A 867 -32.62 -11.18 3.24
C ASP A 867 -32.22 -9.72 3.54
N TYR A 868 -33.08 -8.79 3.09
CA TYR A 868 -32.86 -7.36 3.26
C TYR A 868 -32.92 -6.92 4.73
N THR A 869 -33.82 -7.52 5.48
CA THR A 869 -33.99 -7.21 6.91
C THR A 869 -32.70 -7.49 7.69
N VAL A 870 -32.14 -8.68 7.48
CA VAL A 870 -30.87 -9.06 8.08
C VAL A 870 -29.73 -8.15 7.58
N LEU A 871 -29.74 -7.85 6.29
CA LEU A 871 -28.68 -7.08 5.67
C LEU A 871 -28.62 -5.64 6.20
N LEU A 872 -29.81 -5.06 6.39
CA LEU A 872 -29.94 -3.71 6.92
C LEU A 872 -29.54 -3.69 8.39
N GLU A 873 -30.08 -4.62 9.17
CA GLU A 873 -29.75 -4.74 10.59
C GLU A 873 -28.26 -4.92 10.84
N LYS A 874 -27.64 -5.82 10.09
CA LYS A 874 -26.22 -6.16 10.32
C LYS A 874 -25.24 -5.10 9.87
N THR A 875 -25.37 -4.65 8.63
CA THR A 875 -24.37 -3.79 8.04
C THR A 875 -24.59 -2.32 8.33
N PHE A 876 -25.85 -1.91 8.44
CA PHE A 876 -26.15 -0.49 8.57
C PHE A 876 -26.60 -0.07 9.98
N ILE A 877 -27.73 -0.60 10.44
CA ILE A 877 -28.29 -0.20 11.75
C ILE A 877 -27.35 -0.42 12.94
N LYS A 878 -26.74 -1.60 13.03
CA LYS A 878 -25.93 -1.91 14.20
C LYS A 878 -24.69 -1.00 14.33
N PRO A 879 -23.94 -0.79 13.22
CA PRO A 879 -22.85 0.21 13.27
C PRO A 879 -23.36 1.60 13.61
N LEU A 880 -24.48 2.02 13.01
CA LEU A 880 -25.04 3.35 13.25
C LEU A 880 -25.44 3.50 14.73
N GLU A 881 -25.90 2.40 15.31
CA GLU A 881 -26.28 2.37 16.72
C GLU A 881 -25.06 2.64 17.60
N GLY A 882 -23.93 2.04 17.24
CA GLY A 882 -22.65 2.27 17.91
C GLY A 882 -22.23 3.74 17.83
N PHE A 883 -22.24 4.31 16.61
CA PHE A 883 -21.89 5.72 16.43
C PHE A 883 -22.75 6.62 17.31
N THR A 884 -24.06 6.40 17.26
CA THR A 884 -25.00 7.33 17.88
C THR A 884 -25.08 7.21 19.39
N SER A 885 -25.04 5.98 19.93
CA SER A 885 -24.99 5.84 21.38
C SER A 885 -23.73 6.54 21.95
N ALA A 886 -22.57 6.29 21.35
CA ALA A 886 -21.34 6.97 21.76
C ALA A 886 -21.48 8.50 21.71
N ALA A 887 -22.12 9.00 20.66
CA ALA A 887 -22.27 10.45 20.44
C ALA A 887 -23.40 11.06 21.25
N LYS A 888 -24.16 10.20 21.95
CA LYS A 888 -25.32 10.56 22.78
C LYS A 888 -26.38 11.23 21.92
N LEU A 889 -26.79 10.51 20.90
CA LEU A 889 -27.66 11.01 19.84
C LEU A 889 -28.57 9.87 19.43
N ASP A 890 -29.75 10.19 18.91
CA ASP A 890 -30.66 9.14 18.44
C ASP A 890 -30.82 9.21 16.91
N TYR A 891 -30.84 8.04 16.26
CA TYR A 891 -31.05 8.03 14.81
C TYR A 891 -32.54 7.93 14.43
N GLU A 892 -33.39 7.56 15.39
CA GLU A 892 -34.85 7.63 15.27
C GLU A 892 -35.41 8.46 16.40
N LYS A 893 -36.43 9.27 16.14
CA LYS A 893 -37.03 10.07 17.22
C LYS A 893 -37.63 9.16 18.31
N LYS A 894 -37.15 9.34 19.54
CA LYS A 894 -37.68 8.57 20.67
C LYS A 894 -39.10 8.98 21.00
N ALA A 895 -39.89 8.04 21.52
CA ALA A 895 -41.23 8.31 22.04
C ALA A 895 -41.15 9.23 23.26
N SER A 896 -42.14 10.10 23.40
CA SER A 896 -42.20 11.06 24.50
C SER A 896 -43.63 11.54 24.72
N LEU A 897 -43.79 12.41 25.72
CA LEU A 897 -45.11 12.94 26.10
C LEU A 897 -45.77 13.76 24.99
N PHE A 898 -44.93 14.34 24.13
CA PHE A 898 -45.38 15.14 22.98
C PHE A 898 -46.18 14.34 21.95
N ASP A 899 -45.97 13.02 21.94
CA ASP A 899 -46.70 12.11 21.03
C ASP A 899 -48.19 12.07 21.31
N MET A 900 -48.61 12.66 22.43
CA MET A 900 -50.02 12.82 22.74
C MET A 900 -50.67 13.94 21.93
N PHE A 901 -49.86 14.74 21.24
CA PHE A 901 -50.37 15.89 20.49
C PHE A 901 -50.32 15.66 18.98
N ASP A 902 -51.19 16.36 18.27
CA ASP A 902 -51.26 16.34 16.80
C ASP A 902 -50.47 17.51 16.19
N PHE A 903 -49.20 17.26 15.87
CA PHE A 903 -48.37 18.25 15.20
C PHE A 903 -48.36 17.96 13.71
#